data_5NN4
#
_entry.id   5NN4
#
_cell.length_a   97.435
_cell.length_b   102.303
_cell.length_c   129.068
_cell.angle_alpha   90.00
_cell.angle_beta   90.00
_cell.angle_gamma   90.00
#
_symmetry.space_group_name_H-M   'P 21 21 21'
#
loop_
_entity.id
_entity.type
_entity.pdbx_description
1 polymer 'Lysosomal alpha-glucosidase'
2 branched 2-acetamido-2-deoxy-beta-D-glucopyranose-(1-4)-[alpha-L-fucopyranose-(1-6)]2-acetamido-2-deoxy-beta-D-glucopyranose
3 branched beta-D-mannopyranose-(1-4)-2-acetamido-2-deoxy-beta-D-glucopyranose-(1-4)-2-acetamido-2-deoxy-beta-D-glucopyranose
4 branched 2-acetamido-2-deoxy-beta-D-glucopyranose-(1-4)-2-acetamido-2-deoxy-beta-D-glucopyranose
5 branched alpha-D-mannopyranose-(1-3)-beta-D-mannopyranose-(1-4)-2-acetamido-2-deoxy-beta-D-glucopyranose-(1-4)-2-acetamido-2-deoxy-beta-D-glucopyranose
6 non-polymer N-ACETYL-L-CYSTEINE
7 non-polymer 'SULFATE ION'
8 non-polymer 'CHLORIDE ION'
9 non-polymer 'TRIETHYLENE GLYCOL'
10 non-polymer GLYCEROL
11 non-polymer 1,2-ETHANEDIOL
12 water water
#
_entity_poly.entity_id   1
_entity_poly.type   'polypeptide(L)'
_entity_poly.pdbx_seq_one_letter_code
;QCDVPPNSRFDCAPDKAITQEQCEARGCCYIPAKQGLQGAQMGQPWCFFPPSYPSYKLENLSSSEMGYTATLTRTTPTFF
PKDILTLRLDVMMETENRLHFTIKDPANRRYEVPLETPRVHSRAPSPLYSVEFSEEPFGVIVHRQLDGRVLLNTTVAPLF
FADQFLQLSTSLPSQYITGLAEHLSPLMLSTSWTRITLWNRDLAPTPGANLYGSHPFYLALEDGGSAHGVFLLNSNAMDV
VLQPSPALSWRSTGGILDVYIFLGPEPKSVVQQYLDVVGYPFMPPYWGLGFHLCRWGYSSTAITRQVVENMTRAHFPLDV
QWNDLDYMDSRRDFTFNKDGFRDFPAMVQELHQGGRRYMMIVDPAISSSGPAGSYRPYDEGLRRGVFITNETGQPLIGKV
WPGSTAFPDFTNPTALAWWEDMVAEFHDQVPFDGMWIDMNEPSNFIRGSEDGCPNNELENPPYVPGVVGGTLQAATICAS
SHQFLSTHYNLHNLYGLTEAIASHRALVKARGTRPFVISRSTFAGHGRYAGHWTGDVWSSWEQLASSVPEILQFNLLGVP
LVGADVCGFLGNTSEELCVRWTQLGAFYPFMRNHNSLLSLPQEPYSFSEPAQQAMRKALTLRYALLPHLYTLFHQAHVAG
ETVARPLFLEFPKDSSTWTVDHQLLWGEALLITPVLQAGKAEVTGYFPLGTWYDLQTVPIEALGSLPPPPAAPREPAIHS
EGQWVTLPAPLDTINVHLRAGYIIPLQGPGLTTTESRQQPMALAVALTKGGEARGELFWDDGESLEVLERGAYTQVIFLA
RNNTIVNELVRVTSEGAGLQLQKVTVLGVATAPQQVLSNGVPVSNFTYSPDTKVLDICVSLLMGEQFLVSWC
;
_entity_poly.pdbx_strand_id   A
#
# COMPACT_ATOMS: atom_id res chain seq x y z
N GLN A 1 -37.17 -26.08 3.06
CA GLN A 1 -36.84 -24.74 2.48
C GLN A 1 -35.92 -23.96 3.42
N CYS A 2 -36.10 -24.13 4.73
CA CYS A 2 -35.26 -23.45 5.71
C CYS A 2 -34.14 -24.31 6.29
N ASP A 3 -33.92 -25.48 5.70
CA ASP A 3 -32.88 -26.40 6.14
C ASP A 3 -31.54 -25.97 5.53
N VAL A 4 -31.02 -24.86 6.02
CA VAL A 4 -29.76 -24.31 5.51
C VAL A 4 -28.71 -24.45 6.62
N PRO A 5 -27.55 -25.07 6.32
CA PRO A 5 -26.51 -25.18 7.34
C PRO A 5 -26.12 -23.81 7.92
N PRO A 6 -25.83 -23.75 9.24
CA PRO A 6 -25.55 -22.48 9.93
C PRO A 6 -24.55 -21.57 9.20
N ASN A 7 -23.44 -22.15 8.79
CA ASN A 7 -22.38 -21.40 8.10
C ASN A 7 -22.77 -20.82 6.73
N SER A 8 -23.86 -21.32 6.15
CA SER A 8 -24.30 -20.93 4.82
C SER A 8 -25.52 -20.01 4.83
N ARG A 9 -25.91 -19.54 6.01
CA ARG A 9 -27.05 -18.64 6.14
C ARG A 9 -26.63 -17.21 5.80
N PHE A 10 -27.31 -16.64 4.81
CA PHE A 10 -27.07 -15.28 4.41
C PHE A 10 -28.14 -14.38 5.05
N ASP A 11 -27.67 -13.31 5.68
CA ASP A 11 -28.49 -12.42 6.50
C ASP A 11 -29.60 -11.75 5.71
N CYS A 12 -30.84 -11.98 6.14
CA CYS A 12 -32.00 -11.35 5.51
C CYS A 12 -32.48 -10.14 6.31
N ALA A 13 -31.78 -9.80 7.40
CA ALA A 13 -32.07 -8.60 8.17
C ALA A 13 -30.81 -7.79 8.43
N PRO A 14 -30.09 -7.44 7.36
CA PRO A 14 -28.86 -6.68 7.56
C PRO A 14 -29.12 -5.24 8.04
N ASP A 15 -30.35 -4.77 7.82
CA ASP A 15 -30.74 -3.37 8.03
C ASP A 15 -31.28 -2.99 9.41
N LYS A 16 -31.75 -3.97 10.18
CA LYS A 16 -32.40 -3.68 11.46
C LYS A 16 -32.57 -4.93 12.29
N ALA A 17 -32.77 -4.75 13.59
CA ALA A 17 -33.17 -5.86 14.47
C ALA A 17 -34.54 -6.33 14.00
N ILE A 18 -34.75 -7.64 13.97
CA ILE A 18 -35.98 -8.19 13.39
C ILE A 18 -36.57 -9.29 14.28
N THR A 19 -37.89 -9.36 14.36
CA THR A 19 -38.57 -10.44 15.08
C THR A 19 -38.79 -11.62 14.14
N GLN A 20 -39.13 -12.77 14.71
CA GLN A 20 -39.49 -13.93 13.89
C GLN A 20 -40.64 -13.61 12.93
N GLU A 21 -41.64 -12.87 13.40
CA GLU A 21 -42.80 -12.59 12.57
C GLU A 21 -42.44 -11.68 11.39
N GLN A 22 -41.65 -10.64 11.65
CA GLN A 22 -41.21 -9.74 10.59
C GLN A 22 -40.30 -10.45 9.60
N CYS A 23 -39.44 -11.32 10.12
CA CYS A 23 -38.53 -12.12 9.30
C CYS A 23 -39.31 -12.99 8.32
N GLU A 24 -40.26 -13.75 8.87
CA GLU A 24 -41.12 -14.60 8.07
C GLU A 24 -41.97 -13.79 7.09
N ALA A 25 -42.43 -12.61 7.51
CA ALA A 25 -43.20 -11.72 6.61
C ALA A 25 -42.38 -11.20 5.44
N ARG A 26 -41.05 -11.13 5.60
CA ARG A 26 -40.14 -10.81 4.50
C ARG A 26 -39.94 -11.96 3.50
N GLY A 27 -40.47 -13.13 3.82
CA GLY A 27 -40.20 -14.34 3.03
C GLY A 27 -38.90 -15.00 3.43
N CYS A 28 -38.44 -14.76 4.65
CA CYS A 28 -37.18 -15.34 5.15
C CYS A 28 -37.34 -16.39 6.26
N CYS A 29 -36.26 -17.11 6.52
CA CYS A 29 -36.24 -18.19 7.51
C CYS A 29 -35.73 -17.69 8.85
N TYR A 30 -36.36 -18.13 9.93
CA TYR A 30 -35.95 -17.74 11.29
C TYR A 30 -35.51 -18.97 12.08
N ILE A 31 -34.24 -19.00 12.44
CA ILE A 31 -33.69 -20.08 13.25
C ILE A 31 -32.63 -19.49 14.16
N PRO A 32 -32.92 -19.44 15.47
CA PRO A 32 -31.93 -18.81 16.34
C PRO A 32 -30.60 -19.55 16.34
N ALA A 33 -29.49 -18.82 16.40
CA ALA A 33 -28.18 -19.42 16.62
C ALA A 33 -28.19 -20.13 17.96
N LYS A 34 -27.35 -21.14 18.11
CA LYS A 34 -27.32 -21.91 19.36
C LYS A 34 -26.42 -21.30 20.42
N GLN A 35 -25.72 -20.21 20.06
CA GLN A 35 -24.89 -19.47 21.00
C GLN A 35 -24.72 -18.03 20.51
N GLY A 43 -22.73 -11.62 14.03
CA GLY A 43 -22.50 -13.10 14.04
C GLY A 43 -23.42 -13.80 13.04
N GLN A 44 -23.62 -15.09 13.23
CA GLN A 44 -24.53 -15.86 12.40
C GLN A 44 -25.93 -15.25 12.44
N PRO A 45 -26.53 -14.95 11.27
CA PRO A 45 -27.86 -14.37 11.27
C PRO A 45 -28.95 -15.37 11.70
N TRP A 46 -29.89 -14.88 12.50
CA TRP A 46 -31.04 -15.67 12.87
C TRP A 46 -32.08 -15.68 11.78
N CYS A 47 -32.16 -14.56 11.05
CA CYS A 47 -33.08 -14.40 9.92
C CYS A 47 -32.28 -14.47 8.62
N PHE A 48 -32.58 -15.45 7.77
CA PHE A 48 -31.80 -15.70 6.56
C PHE A 48 -32.64 -16.09 5.36
N PHE A 49 -32.05 -15.94 4.18
CA PHE A 49 -32.73 -16.24 2.93
C PHE A 49 -32.90 -17.73 2.70
N PRO A 50 -34.14 -18.17 2.41
CA PRO A 50 -34.22 -19.52 1.87
C PRO A 50 -33.69 -19.51 0.45
N PRO A 51 -33.37 -20.69 -0.09
CA PRO A 51 -32.98 -20.85 -1.49
C PRO A 51 -33.97 -20.23 -2.48
N SER A 52 -35.25 -20.20 -2.12
CA SER A 52 -36.28 -19.65 -2.99
C SER A 52 -36.49 -18.13 -2.88
N TYR A 53 -35.68 -17.42 -2.09
CA TYR A 53 -35.93 -15.99 -1.91
C TYR A 53 -35.86 -15.31 -3.27
N PRO A 54 -36.81 -14.41 -3.58
CA PRO A 54 -36.80 -13.74 -4.88
C PRO A 54 -35.51 -12.99 -5.19
N SER A 55 -34.95 -13.31 -6.35
CA SER A 55 -33.76 -12.64 -6.86
C SER A 55 -34.12 -12.00 -8.19
N TYR A 56 -33.13 -11.89 -9.07
CA TYR A 56 -33.37 -11.50 -10.45
C TYR A 56 -33.35 -12.76 -11.32
N LYS A 57 -34.05 -12.69 -12.44
CA LYS A 57 -34.05 -13.75 -13.44
C LYS A 57 -33.27 -13.25 -14.65
N LEU A 58 -32.39 -14.09 -15.17
CA LEU A 58 -31.65 -13.80 -16.40
C LEU A 58 -32.53 -14.03 -17.60
N GLU A 59 -32.58 -13.09 -18.53
CA GLU A 59 -33.36 -13.26 -19.76
C GLU A 59 -32.60 -12.71 -20.94
N ASN A 60 -32.84 -13.29 -22.11
CA ASN A 60 -32.23 -12.81 -23.35
C ASN A 60 -30.71 -12.71 -23.36
N LEU A 61 -30.07 -13.75 -22.85
CA LEU A 61 -28.62 -13.84 -22.92
C LEU A 61 -28.20 -13.91 -24.37
N SER A 62 -27.21 -13.09 -24.73
CA SER A 62 -26.66 -13.12 -26.08
CA SER A 62 -26.67 -13.06 -26.09
C SER A 62 -25.15 -12.95 -26.07
N SER A 63 -24.51 -13.42 -27.13
CA SER A 63 -23.05 -13.40 -27.25
C SER A 63 -22.57 -12.43 -28.31
N SER A 64 -21.44 -11.79 -28.08
CA SER A 64 -20.73 -11.00 -29.10
C SER A 64 -19.22 -11.27 -29.03
N GLU A 65 -18.43 -10.57 -29.86
CA GLU A 65 -16.97 -10.74 -29.82
C GLU A 65 -16.36 -10.37 -28.48
N MET A 66 -16.99 -9.44 -27.75
CA MET A 66 -16.50 -9.01 -26.43
C MET A 66 -16.83 -10.00 -25.32
N GLY A 67 -17.99 -10.65 -25.41
CA GLY A 67 -18.46 -11.54 -24.34
C GLY A 67 -19.96 -11.72 -24.40
N TYR A 68 -20.68 -11.32 -23.36
CA TYR A 68 -22.11 -11.58 -23.26
C TYR A 68 -22.86 -10.37 -22.74
N THR A 69 -24.14 -10.31 -23.07
CA THR A 69 -25.06 -9.33 -22.52
CA THR A 69 -25.04 -9.34 -22.48
C THR A 69 -26.38 -10.02 -22.18
N ALA A 70 -27.08 -9.50 -21.18
CA ALA A 70 -28.38 -10.04 -20.78
C ALA A 70 -29.18 -9.01 -20.00
N THR A 71 -30.47 -9.27 -19.90
CA THR A 71 -31.34 -8.51 -19.03
C THR A 71 -31.59 -9.30 -17.77
N LEU A 72 -31.64 -8.58 -16.65
CA LEU A 72 -31.97 -9.15 -15.36
C LEU A 72 -33.24 -8.50 -14.86
N THR A 73 -34.21 -9.32 -14.47
CA THR A 73 -35.49 -8.79 -14.01
C THR A 73 -35.88 -9.32 -12.63
N ARG A 74 -36.21 -8.40 -11.73
CA ARG A 74 -36.76 -8.72 -10.43
C ARG A 74 -38.27 -8.52 -10.50
N THR A 75 -39.03 -9.49 -10.00
CA THR A 75 -40.49 -9.44 -10.02
CA THR A 75 -40.48 -9.39 -10.03
C THR A 75 -41.07 -9.10 -8.65
N THR A 76 -40.40 -9.54 -7.60
CA THR A 76 -40.86 -9.27 -6.23
C THR A 76 -39.92 -8.28 -5.56
N PRO A 77 -40.45 -7.15 -5.07
CA PRO A 77 -39.58 -6.20 -4.37
C PRO A 77 -38.88 -6.79 -3.16
N THR A 78 -37.71 -6.24 -2.83
CA THR A 78 -37.03 -6.53 -1.59
C THR A 78 -37.60 -5.62 -0.51
N PHE A 79 -37.03 -5.69 0.69
CA PHE A 79 -37.41 -4.84 1.82
C PHE A 79 -36.71 -3.48 1.80
N PHE A 80 -35.83 -3.22 0.83
CA PHE A 80 -35.27 -1.89 0.66
C PHE A 80 -36.12 -1.05 -0.26
N PRO A 81 -36.09 0.28 -0.09
CA PRO A 81 -36.81 1.12 -1.04
C PRO A 81 -36.07 1.20 -2.36
N LYS A 82 -36.83 1.46 -3.42
CA LYS A 82 -36.30 1.81 -4.73
C LYS A 82 -35.45 0.74 -5.37
N ASP A 83 -35.93 -0.51 -5.32
CA ASP A 83 -35.37 -1.57 -6.17
C ASP A 83 -35.32 -1.08 -7.62
N ILE A 84 -34.25 -1.43 -8.32
CA ILE A 84 -34.20 -1.22 -9.75
C ILE A 84 -34.57 -2.55 -10.38
N LEU A 85 -35.79 -2.63 -10.90
CA LEU A 85 -36.34 -3.96 -11.26
C LEU A 85 -35.79 -4.54 -12.56
N THR A 86 -35.35 -3.69 -13.47
CA THR A 86 -34.72 -4.15 -14.70
C THR A 86 -33.28 -3.65 -14.77
N LEU A 87 -32.37 -4.60 -14.95
CA LEU A 87 -30.93 -4.31 -15.03
C LEU A 87 -30.35 -4.90 -16.30
N ARG A 88 -29.16 -4.43 -16.69
CA ARG A 88 -28.40 -4.96 -17.81
CA ARG A 88 -28.40 -4.99 -17.80
C ARG A 88 -27.09 -5.55 -17.29
N LEU A 89 -26.80 -6.79 -17.72
CA LEU A 89 -25.55 -7.48 -17.44
C LEU A 89 -24.66 -7.38 -18.67
N ASP A 90 -23.42 -6.94 -18.51
CA ASP A 90 -22.43 -7.01 -19.58
C ASP A 90 -21.20 -7.77 -19.07
N VAL A 91 -20.79 -8.80 -19.82
CA VAL A 91 -19.64 -9.61 -19.49
C VAL A 91 -18.63 -9.44 -20.60
N MET A 92 -17.44 -8.99 -20.21
CA MET A 92 -16.36 -8.70 -21.14
CA MET A 92 -16.36 -8.70 -21.13
C MET A 92 -15.17 -9.62 -20.84
N MET A 93 -14.83 -10.45 -21.80
CA MET A 93 -13.72 -11.38 -21.64
C MET A 93 -12.50 -10.65 -22.19
N GLU A 94 -11.86 -9.90 -21.30
CA GLU A 94 -10.95 -8.85 -21.73
C GLU A 94 -9.57 -9.37 -22.11
N THR A 95 -8.99 -10.23 -21.28
CA THR A 95 -7.74 -10.91 -21.63
C THR A 95 -7.79 -12.35 -21.15
N GLU A 96 -6.75 -13.14 -21.41
CA GLU A 96 -6.75 -14.52 -20.91
C GLU A 96 -6.79 -14.58 -19.38
N ASN A 97 -6.35 -13.51 -18.71
CA ASN A 97 -6.27 -13.46 -17.24
C ASN A 97 -7.32 -12.61 -16.56
N ARG A 98 -8.02 -11.78 -17.33
CA ARG A 98 -8.94 -10.79 -16.77
C ARG A 98 -10.34 -10.90 -17.35
N LEU A 99 -11.30 -11.16 -16.46
CA LEU A 99 -12.72 -11.14 -16.78
C LEU A 99 -13.36 -9.93 -16.08
N HIS A 100 -14.28 -9.26 -16.75
CA HIS A 100 -14.87 -8.00 -16.26
C HIS A 100 -16.35 -8.07 -16.52
N PHE A 101 -17.18 -7.85 -15.50
CA PHE A 101 -18.60 -7.73 -15.76
C PHE A 101 -19.21 -6.55 -15.04
N THR A 102 -20.27 -6.00 -15.61
CA THR A 102 -20.98 -4.90 -14.98
C THR A 102 -22.45 -5.23 -14.91
N ILE A 103 -23.09 -4.75 -13.86
CA ILE A 103 -24.53 -4.77 -13.74
C ILE A 103 -24.97 -3.32 -13.51
N LYS A 104 -25.81 -2.84 -14.43
CA LYS A 104 -26.22 -1.43 -14.52
C LYS A 104 -27.70 -1.28 -14.70
N ASP A 105 -28.17 -0.05 -14.50
CA ASP A 105 -29.54 0.33 -14.80
C ASP A 105 -29.56 0.87 -16.24
N PRO A 106 -30.16 0.14 -17.18
CA PRO A 106 -30.14 0.62 -18.56
C PRO A 106 -30.98 1.90 -18.80
N ALA A 107 -31.85 2.25 -17.86
CA ALA A 107 -32.74 3.39 -18.03
C ALA A 107 -32.18 4.67 -17.45
N ASN A 108 -31.15 4.56 -16.62
CA ASN A 108 -30.56 5.72 -15.96
C ASN A 108 -29.08 5.57 -15.73
N ARG A 109 -28.31 6.56 -16.14
N ARG A 109 -28.30 6.56 -16.13
CA ARG A 109 -26.90 6.62 -15.79
CA ARG A 109 -26.88 6.59 -15.80
C ARG A 109 -26.83 6.65 -14.26
C ARG A 109 -26.75 6.71 -14.29
N ARG A 110 -25.96 5.84 -13.68
CA ARG A 110 -25.71 5.86 -12.24
C ARG A 110 -24.27 6.29 -12.03
N TYR A 111 -23.94 6.72 -10.82
CA TYR A 111 -22.58 7.09 -10.48
C TYR A 111 -21.59 5.94 -10.75
N GLU A 112 -20.49 6.28 -11.38
CA GLU A 112 -19.42 5.33 -11.65
C GLU A 112 -18.08 5.98 -11.30
N VAL A 113 -17.17 5.18 -10.76
CA VAL A 113 -15.89 5.69 -10.29
C VAL A 113 -15.04 6.16 -11.48
N PRO A 114 -14.50 7.37 -11.41
CA PRO A 114 -13.58 7.80 -12.49
C PRO A 114 -12.28 6.96 -12.48
N LEU A 115 -12.05 6.18 -13.54
CA LEU A 115 -10.82 5.40 -13.71
C LEU A 115 -10.49 5.19 -15.20
N GLU A 116 -9.27 5.54 -15.58
CA GLU A 116 -8.80 5.40 -16.96
C GLU A 116 -8.57 3.92 -17.31
N THR A 117 -8.90 3.55 -18.54
CA THR A 117 -8.71 2.17 -19.03
C THR A 117 -7.41 2.03 -19.81
N ALA A 124 -1.88 -23.62 -24.89
CA ALA A 124 -3.00 -23.51 -25.81
C ALA A 124 -3.77 -22.20 -25.58
N PRO A 125 -4.19 -21.53 -26.67
CA PRO A 125 -4.86 -20.22 -26.59
C PRO A 125 -6.32 -20.35 -26.10
N SER A 126 -6.53 -19.97 -24.84
CA SER A 126 -7.85 -19.98 -24.24
C SER A 126 -7.72 -19.20 -22.93
N PRO A 127 -8.78 -18.54 -22.48
CA PRO A 127 -8.64 -17.86 -21.19
C PRO A 127 -8.39 -18.83 -20.04
N LEU A 128 -7.87 -18.32 -18.92
CA LEU A 128 -7.67 -19.14 -17.73
C LEU A 128 -9.00 -19.47 -17.03
N TYR A 129 -10.05 -18.73 -17.38
CA TYR A 129 -11.37 -18.85 -16.77
C TYR A 129 -12.38 -19.35 -17.78
N SER A 130 -13.49 -19.87 -17.27
CA SER A 130 -14.70 -20.00 -18.05
C SER A 130 -15.81 -19.34 -17.25
N VAL A 131 -16.85 -18.90 -17.94
CA VAL A 131 -17.95 -18.22 -17.28
C VAL A 131 -19.25 -18.87 -17.72
N GLU A 132 -20.11 -19.17 -16.75
N GLU A 132 -20.09 -19.19 -16.74
CA GLU A 132 -21.46 -19.70 -16.98
CA GLU A 132 -21.40 -19.79 -16.97
C GLU A 132 -22.48 -18.88 -16.18
C GLU A 132 -22.45 -18.98 -16.13
N PHE A 133 -23.74 -19.10 -16.45
CA PHE A 133 -24.80 -18.34 -15.77
C PHE A 133 -25.92 -19.23 -15.25
N SER A 134 -26.42 -18.89 -14.07
CA SER A 134 -27.63 -19.49 -13.58
C SER A 134 -28.77 -18.56 -13.98
N GLU A 135 -29.91 -19.15 -14.37
CA GLU A 135 -31.06 -18.39 -14.90
C GLU A 135 -31.93 -17.80 -13.80
N GLU A 136 -32.35 -18.64 -12.86
CA GLU A 136 -33.25 -18.20 -11.80
C GLU A 136 -33.09 -19.09 -10.56
N PRO A 137 -32.52 -18.56 -9.46
CA PRO A 137 -32.04 -17.19 -9.29
C PRO A 137 -30.80 -16.94 -10.10
N PHE A 138 -30.64 -15.69 -10.52
CA PHE A 138 -29.52 -15.30 -11.36
C PHE A 138 -28.18 -15.47 -10.63
N GLY A 139 -27.17 -15.93 -11.37
CA GLY A 139 -25.82 -15.99 -10.86
C GLY A 139 -24.78 -16.02 -11.95
N VAL A 140 -23.61 -15.46 -11.66
CA VAL A 140 -22.44 -15.60 -12.51
C VAL A 140 -21.53 -16.65 -11.84
N ILE A 141 -21.06 -17.61 -12.62
CA ILE A 141 -20.19 -18.67 -12.12
C ILE A 141 -18.92 -18.64 -12.93
N VAL A 142 -17.79 -18.52 -12.24
CA VAL A 142 -16.48 -18.48 -12.87
C VAL A 142 -15.66 -19.68 -12.36
N HIS A 143 -15.26 -20.53 -13.30
CA HIS A 143 -14.38 -21.67 -13.03
C HIS A 143 -12.96 -21.34 -13.47
N ARG A 144 -11.98 -21.87 -12.74
CA ARG A 144 -10.60 -21.98 -13.25
C ARG A 144 -10.59 -23.17 -14.21
N GLN A 145 -10.21 -22.94 -15.46
CA GLN A 145 -10.29 -23.98 -16.49
C GLN A 145 -9.36 -25.16 -16.21
N LEU A 146 -8.17 -24.87 -15.71
CA LEU A 146 -7.15 -25.88 -15.56
C LEU A 146 -7.57 -27.01 -14.63
N ASP A 147 -8.20 -26.68 -13.51
CA ASP A 147 -8.60 -27.72 -12.53
C ASP A 147 -10.10 -27.78 -12.23
N GLY A 148 -10.89 -26.95 -12.89
CA GLY A 148 -12.33 -26.88 -12.65
C GLY A 148 -12.79 -26.25 -11.34
N ARG A 149 -11.90 -25.61 -10.59
CA ARG A 149 -12.27 -25.04 -9.31
C ARG A 149 -13.23 -23.87 -9.51
N VAL A 150 -14.28 -23.83 -8.70
CA VAL A 150 -15.25 -22.75 -8.76
C VAL A 150 -14.67 -21.58 -7.96
N LEU A 151 -14.45 -20.46 -8.62
CA LEU A 151 -13.84 -19.29 -8.00
C LEU A 151 -14.87 -18.26 -7.57
N LEU A 152 -15.82 -17.98 -8.46
CA LEU A 152 -16.96 -17.11 -8.19
C LEU A 152 -18.24 -17.88 -8.48
N ASN A 153 -19.20 -17.75 -7.58
CA ASN A 153 -20.54 -18.25 -7.81
C ASN A 153 -21.52 -17.36 -7.11
N THR A 154 -22.14 -16.45 -7.85
CA THR A 154 -22.99 -15.45 -7.22
C THR A 154 -24.43 -15.95 -7.00
N THR A 155 -24.70 -17.19 -7.42
CA THR A 155 -26.01 -17.80 -7.25
C THR A 155 -26.29 -18.11 -5.79
N VAL A 156 -25.25 -18.08 -4.95
CA VAL A 156 -25.39 -18.49 -3.55
C VAL A 156 -26.34 -17.65 -2.70
N ALA A 157 -26.66 -16.44 -3.16
CA ALA A 157 -27.55 -15.55 -2.43
C ALA A 157 -28.21 -14.60 -3.41
N PRO A 158 -29.30 -13.96 -2.99
CA PRO A 158 -30.01 -13.07 -3.93
C PRO A 158 -29.12 -11.91 -4.39
N LEU A 159 -29.39 -11.38 -5.57
CA LEU A 159 -28.83 -10.12 -5.99
C LEU A 159 -29.82 -9.04 -5.54
N PHE A 160 -29.30 -8.07 -4.80
CA PHE A 160 -30.06 -6.86 -4.45
C PHE A 160 -29.46 -5.71 -5.25
N PHE A 161 -30.33 -4.91 -5.85
CA PHE A 161 -29.90 -3.71 -6.58
C PHE A 161 -30.97 -2.66 -6.44
N ALA A 162 -30.83 -1.87 -5.39
CA ALA A 162 -31.71 -0.75 -5.11
C ALA A 162 -30.87 0.49 -5.16
N ASP A 163 -31.54 1.64 -5.23
CA ASP A 163 -30.83 2.89 -5.48
C ASP A 163 -29.69 3.11 -4.49
N GLN A 164 -29.90 2.78 -3.22
CA GLN A 164 -28.88 2.95 -2.20
C GLN A 164 -28.52 1.64 -1.47
N PHE A 165 -28.70 0.52 -2.15
CA PHE A 165 -28.25 -0.76 -1.60
C PHE A 165 -28.02 -1.78 -2.70
N LEU A 166 -26.77 -2.16 -2.90
CA LEU A 166 -26.38 -3.21 -3.81
C LEU A 166 -25.79 -4.34 -2.98
N GLN A 167 -26.19 -5.57 -3.26
CA GLN A 167 -25.55 -6.68 -2.62
C GLN A 167 -25.31 -7.80 -3.61
N LEU A 168 -24.08 -8.28 -3.66
CA LEU A 168 -23.70 -9.41 -4.48
C LEU A 168 -22.86 -10.33 -3.63
N SER A 169 -23.15 -11.63 -3.66
CA SER A 169 -22.43 -12.59 -2.84
C SER A 169 -21.73 -13.63 -3.70
N THR A 170 -20.80 -14.35 -3.10
CA THR A 170 -20.15 -15.46 -3.75
C THR A 170 -19.62 -16.45 -2.75
N SER A 171 -19.52 -17.70 -3.16
CA SER A 171 -18.69 -18.66 -2.46
C SER A 171 -17.22 -18.21 -2.60
N LEU A 172 -16.41 -18.55 -1.60
CA LEU A 172 -14.96 -18.39 -1.68
C LEU A 172 -14.33 -19.80 -1.80
N PRO A 173 -13.18 -19.91 -2.47
CA PRO A 173 -12.57 -21.23 -2.72
C PRO A 173 -11.84 -21.82 -1.52
N SER A 174 -11.58 -21.01 -0.50
CA SER A 174 -10.88 -21.44 0.70
C SER A 174 -11.14 -20.47 1.83
N GLN A 175 -10.58 -20.79 3.00
CA GLN A 175 -10.70 -19.93 4.17
C GLN A 175 -9.63 -18.82 4.19
N TYR A 176 -8.83 -18.73 3.11
CA TYR A 176 -7.69 -17.80 3.03
C TYR A 176 -7.95 -16.69 2.02
N ILE A 177 -8.11 -15.49 2.57
CA ILE A 177 -8.46 -14.31 1.80
C ILE A 177 -7.77 -13.10 2.43
N THR A 178 -7.21 -12.24 1.58
CA THR A 178 -6.50 -11.05 2.03
C THR A 178 -6.93 -9.84 1.19
N GLY A 179 -6.88 -8.65 1.78
CA GLY A 179 -7.17 -7.40 1.06
C GLY A 179 -8.13 -6.54 1.87
N LEU A 180 -8.93 -5.74 1.18
CA LEU A 180 -10.01 -4.97 1.79
C LEU A 180 -9.52 -4.02 2.88
N ALA A 181 -8.43 -3.31 2.56
CA ALA A 181 -7.90 -2.25 3.41
C ALA A 181 -8.89 -1.06 3.50
N GLU A 182 -8.74 -0.17 4.48
CA GLU A 182 -7.66 -0.17 5.50
C GLU A 182 -8.20 -0.55 6.89
N HIS A 183 -7.65 -1.61 7.44
CA HIS A 183 -8.05 -2.12 8.77
C HIS A 183 -6.84 -2.71 9.46
N LEU A 184 -6.88 -2.71 10.79
CA LEU A 184 -5.82 -3.28 11.61
C LEU A 184 -6.22 -4.72 11.86
N SER A 185 -5.54 -5.63 11.19
CA SER A 185 -5.97 -7.02 11.13
C SER A 185 -4.78 -7.89 10.70
N PRO A 186 -4.81 -9.22 11.02
CA PRO A 186 -3.86 -10.11 10.36
C PRO A 186 -3.94 -9.99 8.84
N LEU A 187 -2.90 -10.39 8.13
CA LEU A 187 -2.92 -10.33 6.69
C LEU A 187 -4.05 -11.19 6.12
N MET A 188 -4.21 -12.40 6.65
CA MET A 188 -5.33 -13.26 6.26
C MET A 188 -6.55 -12.86 7.11
N LEU A 189 -7.65 -12.54 6.45
CA LEU A 189 -8.85 -12.03 7.12
C LEU A 189 -9.62 -13.17 7.75
N SER A 190 -10.30 -12.89 8.85
CA SER A 190 -11.14 -13.90 9.49
C SER A 190 -12.46 -14.07 8.75
N THR A 191 -12.83 -15.31 8.42
CA THR A 191 -14.12 -15.60 7.80
C THR A 191 -15.24 -15.88 8.82
N SER A 192 -14.99 -15.62 10.11
CA SER A 192 -15.96 -15.95 11.16
C SER A 192 -16.95 -14.83 11.41
N TRP A 193 -17.81 -14.59 10.43
CA TRP A 193 -18.87 -13.59 10.52
C TRP A 193 -18.25 -12.23 10.77
N THR A 194 -17.42 -11.79 9.84
CA THR A 194 -16.65 -10.56 9.99
C THR A 194 -17.27 -9.51 9.09
N ARG A 195 -17.48 -8.32 9.62
CA ARG A 195 -18.00 -7.21 8.82
C ARG A 195 -16.86 -6.20 8.64
N ILE A 196 -16.43 -6.00 7.40
CA ILE A 196 -15.31 -5.10 7.08
C ILE A 196 -15.89 -3.85 6.40
N THR A 197 -15.69 -2.68 6.99
CA THR A 197 -16.33 -1.45 6.55
C THR A 197 -15.32 -0.53 5.85
N LEU A 198 -15.66 -0.13 4.63
CA LEU A 198 -14.86 0.78 3.81
C LEU A 198 -15.55 2.15 3.77
N TRP A 199 -15.04 3.05 4.59
CA TRP A 199 -15.51 4.44 4.65
C TRP A 199 -14.41 5.25 5.30
N ASN A 200 -13.72 6.03 4.48
CA ASN A 200 -12.50 6.68 4.94
C ASN A 200 -12.77 7.53 6.17
N ARG A 201 -11.96 7.32 7.20
CA ARG A 201 -12.21 7.88 8.51
C ARG A 201 -10.91 8.16 9.26
N ASP A 202 -10.85 9.36 9.82
CA ASP A 202 -9.75 9.78 10.69
C ASP A 202 -9.97 9.12 12.05
N LEU A 203 -9.24 8.05 12.30
CA LEU A 203 -9.26 7.36 13.59
C LEU A 203 -7.91 6.69 13.79
N ALA A 204 -7.35 6.80 14.98
CA ALA A 204 -6.08 6.10 15.28
C ALA A 204 -6.28 4.60 15.09
N PRO A 205 -5.36 3.93 14.38
CA PRO A 205 -5.63 2.53 14.04
C PRO A 205 -5.92 1.64 15.25
N THR A 206 -7.01 0.90 15.14
CA THR A 206 -7.48 0.01 16.18
C THR A 206 -8.30 -1.06 15.45
N PRO A 207 -8.39 -2.29 16.02
CA PRO A 207 -9.12 -3.35 15.30
C PRO A 207 -10.61 -3.11 15.18
N GLY A 208 -11.22 -3.64 14.12
CA GLY A 208 -12.68 -3.61 13.96
C GLY A 208 -13.26 -2.30 13.44
N ALA A 209 -12.40 -1.39 13.01
CA ALA A 209 -12.83 -0.04 12.64
C ALA A 209 -12.47 0.29 11.20
N ASN A 210 -13.35 1.02 10.54
CA ASN A 210 -12.98 1.68 9.27
C ASN A 210 -11.89 2.73 9.49
N LEU A 211 -10.74 2.57 8.84
CA LEU A 211 -9.65 3.53 8.98
C LEU A 211 -9.55 4.47 7.78
N TYR A 212 -8.34 4.94 7.49
CA TYR A 212 -8.20 6.12 6.64
C TYR A 212 -8.47 5.91 5.15
N GLY A 213 -8.35 4.65 4.70
CA GLY A 213 -8.47 4.30 3.30
C GLY A 213 -9.40 3.13 3.04
N SER A 214 -9.70 2.94 1.76
CA SER A 214 -10.66 1.95 1.28
C SER A 214 -10.17 1.32 -0.02
N HIS A 215 -9.98 0.00 -0.02
CA HIS A 215 -9.51 -0.71 -1.19
C HIS A 215 -10.36 -1.98 -1.41
N PRO A 216 -11.40 -1.88 -2.23
CA PRO A 216 -12.33 -2.99 -2.42
C PRO A 216 -11.80 -4.07 -3.38
N PHE A 217 -10.71 -4.70 -2.95
CA PHE A 217 -10.04 -5.76 -3.67
C PHE A 217 -9.69 -6.87 -2.68
N TYR A 218 -9.87 -8.10 -3.12
CA TYR A 218 -9.36 -9.22 -2.35
C TYR A 218 -8.62 -10.21 -3.24
N LEU A 219 -7.68 -10.91 -2.62
CA LEU A 219 -6.97 -12.02 -3.21
C LEU A 219 -7.31 -13.27 -2.41
N ALA A 220 -7.76 -14.30 -3.12
CA ALA A 220 -8.21 -15.52 -2.48
C ALA A 220 -7.28 -16.65 -2.88
N LEU A 221 -6.77 -17.36 -1.88
CA LEU A 221 -5.93 -18.52 -2.14
C LEU A 221 -6.75 -19.78 -2.37
N GLU A 222 -6.17 -20.68 -3.15
CA GLU A 222 -6.78 -21.94 -3.53
C GLU A 222 -5.87 -23.09 -3.14
N ASP A 223 -6.47 -24.20 -2.73
CA ASP A 223 -5.70 -25.40 -2.34
C ASP A 223 -4.68 -25.74 -3.42
N GLY A 224 -3.42 -25.87 -3.04
CA GLY A 224 -2.37 -26.19 -3.99
C GLY A 224 -1.52 -25.01 -4.39
N GLY A 225 -1.96 -23.80 -4.08
CA GLY A 225 -1.12 -22.61 -4.26
C GLY A 225 -1.48 -21.64 -5.36
N SER A 226 -2.55 -21.91 -6.12
CA SER A 226 -3.01 -20.92 -7.08
C SER A 226 -3.86 -19.90 -6.33
N ALA A 227 -4.24 -18.84 -7.04
CA ALA A 227 -5.01 -17.77 -6.43
C ALA A 227 -5.71 -16.97 -7.50
N HIS A 228 -6.73 -16.24 -7.08
CA HIS A 228 -7.36 -15.25 -7.96
C HIS A 228 -7.66 -14.01 -7.14
N GLY A 229 -8.02 -12.93 -7.82
CA GLY A 229 -8.38 -11.67 -7.17
C GLY A 229 -9.70 -11.13 -7.73
N VAL A 230 -10.39 -10.36 -6.91
CA VAL A 230 -11.63 -9.73 -7.30
C VAL A 230 -11.58 -8.27 -6.86
N PHE A 231 -11.89 -7.37 -7.79
CA PHE A 231 -11.92 -5.95 -7.54
C PHE A 231 -13.34 -5.47 -7.84
N LEU A 232 -14.00 -4.86 -6.86
CA LEU A 232 -15.27 -4.19 -7.10
C LEU A 232 -14.99 -2.70 -7.22
N LEU A 233 -15.15 -2.16 -8.42
CA LEU A 233 -14.84 -0.76 -8.69
C LEU A 233 -16.05 0.05 -8.25
N ASN A 234 -16.09 0.33 -6.96
CA ASN A 234 -17.19 1.06 -6.33
C ASN A 234 -16.61 1.86 -5.16
N SER A 235 -16.89 3.16 -5.09
CA SER A 235 -16.30 4.03 -4.08
C SER A 235 -17.32 4.44 -3.02
N ASN A 236 -18.50 3.83 -3.00
CA ASN A 236 -19.49 4.18 -1.98
C ASN A 236 -19.12 3.54 -0.65
N ALA A 237 -19.68 4.06 0.43
CA ALA A 237 -19.61 3.39 1.72
C ALA A 237 -20.09 1.96 1.54
N MET A 238 -19.31 1.00 2.04
CA MET A 238 -19.70 -0.41 1.89
C MET A 238 -19.26 -1.25 3.07
N ASP A 239 -19.99 -2.34 3.29
CA ASP A 239 -19.58 -3.41 4.18
C ASP A 239 -19.23 -4.59 3.31
N VAL A 240 -18.20 -5.33 3.69
CA VAL A 240 -17.93 -6.62 3.10
C VAL A 240 -18.06 -7.65 4.23
N VAL A 241 -18.95 -8.62 4.04
CA VAL A 241 -19.30 -9.57 5.07
C VAL A 241 -18.77 -10.95 4.71
N LEU A 242 -17.93 -11.50 5.58
CA LEU A 242 -17.30 -12.81 5.35
C LEU A 242 -17.92 -13.81 6.30
N GLN A 243 -18.25 -15.00 5.79
CA GLN A 243 -18.79 -16.04 6.63
C GLN A 243 -18.09 -17.38 6.37
N PRO A 244 -18.21 -18.34 7.32
CA PRO A 244 -17.27 -19.47 7.31
C PRO A 244 -17.60 -20.64 6.40
N SER A 245 -18.62 -20.51 5.56
CA SER A 245 -18.96 -21.59 4.61
C SER A 245 -17.86 -22.11 3.69
N PRO A 246 -16.97 -21.25 3.15
CA PRO A 246 -16.78 -19.82 3.24
C PRO A 246 -17.42 -19.07 2.09
N ALA A 247 -17.75 -17.80 2.34
CA ALA A 247 -18.42 -16.98 1.37
C ALA A 247 -18.25 -15.50 1.75
N LEU A 248 -18.56 -14.63 0.79
CA LEU A 248 -18.39 -13.20 0.93
C LEU A 248 -19.58 -12.48 0.33
N SER A 249 -20.01 -11.36 0.95
CA SER A 249 -21.03 -10.50 0.36
C SER A 249 -20.50 -9.08 0.30
N TRP A 250 -20.54 -8.48 -0.88
CA TRP A 250 -20.29 -7.05 -1.04
C TRP A 250 -21.63 -6.35 -0.80
N ARG A 251 -21.61 -5.29 -0.01
CA ARG A 251 -22.80 -4.60 0.38
C ARG A 251 -22.51 -3.11 0.27
N SER A 252 -22.88 -2.49 -0.85
CA SER A 252 -22.58 -1.09 -1.08
C SER A 252 -23.81 -0.23 -1.05
N THR A 253 -23.60 1.05 -0.79
CA THR A 253 -24.69 2.02 -0.61
C THR A 253 -24.97 2.87 -1.85
N GLY A 254 -24.32 2.55 -2.96
CA GLY A 254 -24.61 3.26 -4.20
C GLY A 254 -23.86 2.73 -5.39
N GLY A 255 -23.90 3.52 -6.47
CA GLY A 255 -23.13 3.20 -7.65
C GLY A 255 -23.65 2.01 -8.41
N ILE A 256 -22.73 1.29 -9.04
CA ILE A 256 -23.08 0.08 -9.81
C ILE A 256 -22.21 -1.10 -9.38
N LEU A 257 -22.53 -2.29 -9.87
CA LEU A 257 -21.63 -3.42 -9.70
C LEU A 257 -20.73 -3.51 -10.94
N ASP A 258 -19.44 -3.29 -10.70
CA ASP A 258 -18.44 -3.29 -11.74
C ASP A 258 -17.31 -4.14 -11.19
N VAL A 259 -17.22 -5.37 -11.72
CA VAL A 259 -16.43 -6.41 -11.09
C VAL A 259 -15.36 -6.93 -12.04
N TYR A 260 -14.13 -6.99 -11.55
CA TYR A 260 -13.02 -7.60 -12.25
C TYR A 260 -12.55 -8.83 -11.51
N ILE A 261 -12.32 -9.89 -12.26
CA ILE A 261 -11.75 -11.13 -11.73
C ILE A 261 -10.40 -11.39 -12.42
N PHE A 262 -9.36 -11.60 -11.62
CA PHE A 262 -7.99 -11.79 -12.11
C PHE A 262 -7.56 -13.23 -11.80
N LEU A 263 -7.12 -13.94 -12.82
CA LEU A 263 -6.98 -15.41 -12.70
C LEU A 263 -5.61 -15.93 -12.25
N GLY A 264 -4.62 -15.05 -12.09
CA GLY A 264 -3.32 -15.52 -11.63
C GLY A 264 -2.61 -16.33 -12.70
N PRO A 265 -2.28 -17.61 -12.43
CA PRO A 265 -2.63 -18.45 -11.28
C PRO A 265 -1.80 -18.16 -10.04
N GLU A 266 -0.62 -17.58 -10.20
CA GLU A 266 0.27 -17.29 -9.07
C GLU A 266 -0.19 -16.03 -8.36
N PRO A 267 -0.17 -16.03 -7.03
CA PRO A 267 -0.52 -14.81 -6.31
C PRO A 267 0.23 -13.55 -6.79
N LYS A 268 1.50 -13.67 -7.16
CA LYS A 268 2.22 -12.49 -7.68
C LYS A 268 1.61 -11.98 -8.98
N SER A 269 1.14 -12.91 -9.81
CA SER A 269 0.47 -12.58 -11.06
C SER A 269 -0.92 -11.96 -10.82
N VAL A 270 -1.63 -12.41 -9.79
CA VAL A 270 -2.90 -11.79 -9.42
C VAL A 270 -2.69 -10.29 -9.10
N VAL A 271 -1.66 -9.99 -8.32
CA VAL A 271 -1.40 -8.59 -7.93
C VAL A 271 -1.04 -7.78 -9.17
N GLN A 272 -0.16 -8.31 -10.00
CA GLN A 272 0.22 -7.63 -11.24
C GLN A 272 -1.00 -7.36 -12.12
N GLN A 273 -1.88 -8.35 -12.25
CA GLN A 273 -3.11 -8.20 -13.05
C GLN A 273 -4.06 -7.12 -12.50
N TYR A 274 -4.20 -7.05 -11.19
CA TYR A 274 -4.98 -6.01 -10.55
C TYR A 274 -4.36 -4.65 -10.86
N LEU A 275 -3.04 -4.57 -10.76
CA LEU A 275 -2.34 -3.30 -11.00
C LEU A 275 -2.35 -2.89 -12.47
N ASP A 276 -2.52 -3.87 -13.36
CA ASP A 276 -2.75 -3.60 -14.80
CA ASP A 276 -2.72 -3.58 -14.78
C ASP A 276 -4.02 -2.78 -15.00
N VAL A 277 -4.99 -2.93 -14.08
CA VAL A 277 -6.24 -2.20 -14.16
C VAL A 277 -6.13 -0.86 -13.41
N VAL A 278 -5.66 -0.88 -12.17
CA VAL A 278 -5.68 0.36 -11.36
C VAL A 278 -4.44 1.24 -11.50
N GLY A 279 -3.35 0.69 -12.03
CA GLY A 279 -2.12 1.46 -12.25
C GLY A 279 -0.94 0.86 -11.50
N TYR A 280 0.19 0.76 -12.18
CA TYR A 280 1.43 0.32 -11.55
C TYR A 280 1.95 1.42 -10.63
N PRO A 281 2.63 1.05 -9.53
CA PRO A 281 3.19 2.00 -8.59
C PRO A 281 4.11 3.03 -9.26
N PHE A 282 4.03 4.28 -8.80
CA PHE A 282 4.93 5.34 -9.26
C PHE A 282 6.34 5.03 -8.82
N MET A 283 7.32 5.53 -9.58
CA MET A 283 8.72 5.38 -9.20
C MET A 283 9.12 6.53 -8.30
N PRO A 284 9.54 6.23 -7.07
CA PRO A 284 9.95 7.32 -6.20
C PRO A 284 11.32 7.86 -6.59
N PRO A 285 11.65 9.08 -6.16
CA PRO A 285 13.05 9.49 -6.24
C PRO A 285 13.89 8.65 -5.30
N TYR A 286 15.15 8.44 -5.63
CA TYR A 286 16.05 7.65 -4.79
C TYR A 286 16.14 8.17 -3.35
N TRP A 287 16.21 9.49 -3.20
CA TRP A 287 16.32 10.10 -1.88
C TRP A 287 15.13 9.77 -1.00
N GLY A 288 13.99 9.49 -1.62
CA GLY A 288 12.78 9.11 -0.88
C GLY A 288 12.89 7.81 -0.11
N LEU A 289 13.89 7.00 -0.50
CA LEU A 289 14.19 5.72 0.15
C LEU A 289 15.14 5.85 1.34
N GLY A 290 15.71 7.05 1.52
CA GLY A 290 16.52 7.35 2.69
C GLY A 290 15.69 7.49 3.97
N PHE A 291 16.36 7.80 5.07
CA PHE A 291 15.66 7.98 6.32
C PHE A 291 15.03 9.38 6.38
N HIS A 292 13.81 9.44 6.90
CA HIS A 292 13.07 10.67 7.10
C HIS A 292 12.84 10.85 8.60
N LEU A 293 12.91 12.07 9.09
CA LEU A 293 12.75 12.35 10.52
C LEU A 293 11.86 13.58 10.70
N CYS A 294 10.87 13.42 11.59
CA CYS A 294 9.83 14.41 11.78
C CYS A 294 9.31 14.37 13.22
N ARG A 295 8.76 15.46 13.70
CA ARG A 295 7.84 15.38 14.83
C ARG A 295 6.94 16.60 14.77
N TRP A 296 5.81 16.50 15.44
CA TRP A 296 5.03 17.68 15.78
C TRP A 296 5.71 18.23 17.02
N GLY A 297 6.21 19.45 16.94
CA GLY A 297 6.91 20.07 18.07
C GLY A 297 8.30 20.64 17.79
N TYR A 298 8.83 20.46 16.57
CA TYR A 298 10.01 21.22 16.15
C TYR A 298 9.52 22.62 15.82
N SER A 299 9.50 23.48 16.84
CA SER A 299 8.73 24.72 16.83
C SER A 299 9.48 25.96 16.32
N SER A 300 10.71 25.80 15.87
CA SER A 300 11.45 26.86 15.21
C SER A 300 12.43 26.27 14.25
N THR A 301 12.96 27.12 13.36
CA THR A 301 14.04 26.71 12.48
C THR A 301 15.30 26.35 13.25
N ALA A 302 15.56 27.06 14.34
CA ALA A 302 16.73 26.76 15.17
C ALA A 302 16.64 25.33 15.71
N ILE A 303 15.48 24.96 16.23
CA ILE A 303 15.28 23.60 16.76
C ILE A 303 15.38 22.58 15.63
N THR A 304 14.75 22.88 14.50
CA THR A 304 14.75 21.95 13.38
C THR A 304 16.17 21.71 12.88
N ARG A 305 16.96 22.78 12.79
CA ARG A 305 18.37 22.65 12.43
C ARG A 305 19.17 21.77 13.39
N GLN A 306 18.88 21.85 14.68
CA GLN A 306 19.55 21.01 15.68
C GLN A 306 19.32 19.54 15.45
N VAL A 307 18.19 19.18 14.85
CA VAL A 307 17.90 17.78 14.55
C VAL A 307 18.97 17.23 13.60
N VAL A 308 19.19 17.93 12.50
CA VAL A 308 20.19 17.51 11.52
C VAL A 308 21.59 17.52 12.14
N GLU A 309 21.89 18.56 12.91
CA GLU A 309 23.18 18.68 13.58
C GLU A 309 23.42 17.49 14.49
N ASN A 310 22.39 17.15 15.27
CA ASN A 310 22.49 16.09 16.26
C ASN A 310 22.58 14.70 15.62
N MET A 311 21.84 14.49 14.53
CA MET A 311 21.95 13.25 13.75
C MET A 311 23.37 13.13 13.18
N THR A 312 23.86 14.20 12.60
CA THR A 312 25.15 14.21 11.93
C THR A 312 26.29 13.94 12.93
N ARG A 313 26.26 14.65 14.06
CA ARG A 313 27.25 14.50 15.12
CA ARG A 313 27.24 14.51 15.13
C ARG A 313 27.38 13.04 15.56
N ALA A 314 26.25 12.33 15.60
CA ALA A 314 26.22 10.93 16.05
C ALA A 314 26.25 9.91 14.91
N HIS A 315 26.59 10.37 13.71
CA HIS A 315 26.82 9.50 12.55
C HIS A 315 25.57 8.74 12.14
N PHE A 316 24.40 9.37 12.26
CA PHE A 316 23.15 8.75 11.79
C PHE A 316 22.79 9.33 10.42
N PRO A 317 22.62 8.45 9.44
CA PRO A 317 22.10 8.94 8.15
C PRO A 317 20.75 9.62 8.27
N LEU A 318 20.55 10.66 7.48
CA LEU A 318 19.27 11.36 7.39
C LEU A 318 19.17 12.06 6.03
N ASP A 319 18.27 11.60 5.17
CA ASP A 319 18.09 12.24 3.87
C ASP A 319 17.14 13.40 3.86
N VAL A 320 16.11 13.34 4.70
CA VAL A 320 15.01 14.29 4.60
C VAL A 320 14.56 14.75 5.98
N GLN A 321 14.56 16.07 6.18
CA GLN A 321 14.04 16.69 7.39
C GLN A 321 12.62 17.09 7.10
N TRP A 322 11.73 16.81 8.04
CA TRP A 322 10.33 17.19 7.93
C TRP A 322 9.93 18.17 9.03
N ASN A 323 8.89 18.96 8.73
CA ASN A 323 8.09 19.59 9.80
C ASN A 323 6.60 19.24 9.69
N ASP A 324 5.95 19.16 10.84
CA ASP A 324 4.51 19.15 10.97
C ASP A 324 4.01 20.61 10.95
N LEU A 325 2.85 20.90 11.55
CA LEU A 325 2.15 22.19 11.50
C LEU A 325 2.93 23.37 12.06
N ASP A 326 3.98 23.09 12.83
CA ASP A 326 4.80 24.11 13.48
C ASP A 326 5.20 25.27 12.58
N TYR A 327 5.48 24.99 11.31
CA TYR A 327 5.96 26.04 10.39
C TYR A 327 4.92 27.08 10.03
N MET A 328 3.64 26.73 10.11
CA MET A 328 2.59 27.55 9.53
C MET A 328 2.33 28.81 10.36
N ASP A 329 1.71 29.80 9.72
CA ASP A 329 1.14 30.92 10.44
C ASP A 329 -0.28 30.58 10.86
N SER A 330 -0.49 30.38 12.17
CA SER A 330 -1.81 30.08 12.73
C SER A 330 -2.40 28.82 12.09
N ARG A 331 -1.55 27.84 11.86
CA ARG A 331 -1.94 26.52 11.38
C ARG A 331 -2.62 26.55 10.00
N ARG A 332 -2.20 27.50 9.15
CA ARG A 332 -2.74 27.66 7.79
C ARG A 332 -1.77 27.24 6.68
N ASP A 333 -2.29 26.46 5.72
CA ASP A 333 -1.52 26.08 4.54
C ASP A 333 -0.90 27.29 3.85
N PHE A 334 0.26 27.07 3.25
CA PHE A 334 0.86 28.01 2.30
C PHE A 334 1.24 29.33 3.00
N THR A 335 1.55 29.23 4.28
CA THR A 335 2.09 30.33 5.06
C THR A 335 3.23 29.79 5.91
N PHE A 336 4.06 30.69 6.42
CA PHE A 336 4.95 30.35 7.52
C PHE A 336 5.01 31.49 8.53
N ASN A 337 5.09 31.16 9.81
CA ASN A 337 5.06 32.18 10.85
C ASN A 337 6.39 32.92 10.89
N LYS A 338 6.34 34.17 11.34
CA LYS A 338 7.52 35.05 11.36
C LYS A 338 8.09 35.19 12.77
N ASP A 339 7.77 34.21 13.62
CA ASP A 339 8.40 34.06 14.92
C ASP A 339 9.50 33.01 14.74
N GLY A 340 9.23 31.78 15.19
CA GLY A 340 10.20 30.70 15.08
C GLY A 340 10.61 30.33 13.67
N PHE A 341 9.76 30.62 12.68
CA PHE A 341 10.05 30.24 11.29
C PHE A 341 10.32 31.41 10.36
N ARG A 342 10.74 32.54 10.94
CA ARG A 342 11.00 33.73 10.13
C ARG A 342 11.95 33.47 8.96
N ASP A 343 12.98 32.65 9.21
CA ASP A 343 13.98 32.33 8.19
C ASP A 343 13.82 30.91 7.59
N PHE A 344 12.57 30.47 7.45
CA PHE A 344 12.20 29.20 6.82
C PHE A 344 12.85 29.00 5.43
N PRO A 345 12.75 30.00 4.51
CA PRO A 345 13.39 29.79 3.22
C PRO A 345 14.87 29.43 3.33
N ALA A 346 15.60 30.15 4.19
CA ALA A 346 17.03 29.90 4.36
C ALA A 346 17.31 28.52 4.95
N MET A 347 16.48 28.09 5.90
CA MET A 347 16.67 26.76 6.48
C MET A 347 16.63 25.69 5.40
N VAL A 348 15.66 25.79 4.50
CA VAL A 348 15.46 24.78 3.47
C VAL A 348 16.56 24.81 2.42
N GLN A 349 16.98 26.01 2.05
CA GLN A 349 18.12 26.20 1.15
C GLN A 349 19.38 25.57 1.74
N GLU A 350 19.60 25.77 3.04
CA GLU A 350 20.76 25.19 3.71
C GLU A 350 20.70 23.67 3.72
N LEU A 351 19.51 23.11 3.93
CA LEU A 351 19.37 21.64 3.87
C LEU A 351 19.84 21.14 2.53
N HIS A 352 19.41 21.81 1.47
CA HIS A 352 19.79 21.43 0.12
C HIS A 352 21.29 21.56 -0.08
N GLN A 353 21.88 22.62 0.46
CA GLN A 353 23.34 22.82 0.33
C GLN A 353 24.12 21.65 0.90
N GLY A 354 23.57 21.03 1.95
CA GLY A 354 24.18 19.88 2.58
C GLY A 354 23.79 18.53 2.01
N GLY A 355 22.96 18.53 0.96
CA GLY A 355 22.63 17.31 0.22
C GLY A 355 21.41 16.61 0.77
N ARG A 356 20.58 17.35 1.52
CA ARG A 356 19.35 16.78 2.09
C ARG A 356 18.11 17.42 1.46
N ARG A 357 16.96 16.75 1.56
CA ARG A 357 15.68 17.27 1.09
C ARG A 357 14.82 17.69 2.28
N TYR A 358 13.70 18.33 1.97
CA TYR A 358 12.78 18.88 2.96
C TYR A 358 11.33 18.55 2.58
N MET A 359 10.56 18.09 3.57
CA MET A 359 9.15 17.76 3.42
C MET A 359 8.36 18.48 4.50
N MET A 360 7.14 18.91 4.18
CA MET A 360 6.28 19.42 5.23
C MET A 360 4.82 19.05 5.03
N ILE A 361 4.08 19.14 6.12
CA ILE A 361 2.68 18.79 6.12
C ILE A 361 1.87 19.85 5.37
N VAL A 362 0.90 19.35 4.62
CA VAL A 362 -0.10 20.17 3.96
C VAL A 362 -1.47 19.53 4.25
N ASP A 363 -2.41 20.33 4.73
CA ASP A 363 -3.79 19.90 4.96
C ASP A 363 -4.69 20.30 3.78
N PRO A 364 -5.83 19.61 3.58
CA PRO A 364 -6.69 20.01 2.46
C PRO A 364 -7.53 21.25 2.79
N ALA A 365 -7.98 21.36 4.02
CA ALA A 365 -8.98 22.37 4.35
C ALA A 365 -8.31 23.72 4.51
N ILE A 366 -8.99 24.75 4.01
CA ILE A 366 -8.47 26.10 3.88
C ILE A 366 -9.21 27.08 4.80
N SER A 367 -8.46 27.80 5.64
CA SER A 367 -9.03 28.73 6.61
C SER A 367 -9.93 29.75 5.94
N SER A 368 -11.16 29.82 6.43
CA SER A 368 -12.20 30.64 5.84
C SER A 368 -12.56 31.88 6.67
N SER A 369 -11.87 32.11 7.77
CA SER A 369 -12.31 33.10 8.75
C SER A 369 -11.54 34.41 8.73
N GLY A 370 -10.49 34.49 7.89
CA GLY A 370 -9.62 35.67 7.91
C GLY A 370 -10.35 36.83 7.25
N PRO A 371 -9.91 38.07 7.51
CA PRO A 371 -10.53 39.17 6.78
C PRO A 371 -10.42 38.97 5.27
N ALA A 372 -11.43 39.42 4.54
CA ALA A 372 -11.40 39.29 3.10
C ALA A 372 -10.17 39.98 2.55
N GLY A 373 -9.50 39.31 1.62
CA GLY A 373 -8.30 39.85 1.00
C GLY A 373 -6.99 39.64 1.76
N SER A 374 -7.05 39.03 2.94
CA SER A 374 -5.86 38.81 3.78
C SER A 374 -5.20 37.42 3.62
N TYR A 375 -5.85 36.49 2.94
CA TYR A 375 -5.34 35.10 2.87
C TYR A 375 -5.64 34.51 1.50
N ARG A 376 -4.67 34.64 0.60
CA ARG A 376 -4.84 34.34 -0.82
C ARG A 376 -5.42 32.96 -1.12
N PRO A 377 -4.94 31.88 -0.45
CA PRO A 377 -5.50 30.57 -0.80
C PRO A 377 -7.03 30.50 -0.69
N TYR A 378 -7.58 31.09 0.38
CA TYR A 378 -9.01 31.19 0.53
C TYR A 378 -9.62 32.20 -0.45
N ASP A 379 -9.04 33.39 -0.54
CA ASP A 379 -9.65 34.46 -1.36
C ASP A 379 -9.72 34.04 -2.83
N GLU A 380 -8.64 33.44 -3.32
CA GLU A 380 -8.57 32.92 -4.69
C GLU A 380 -9.46 31.71 -4.91
N GLY A 381 -9.48 30.81 -3.92
CA GLY A 381 -10.36 29.64 -3.96
C GLY A 381 -11.83 30.01 -4.05
N LEU A 382 -12.21 31.01 -3.28
CA LEU A 382 -13.55 31.56 -3.31
C LEU A 382 -13.91 32.14 -4.69
N ARG A 383 -13.00 32.94 -5.23
CA ARG A 383 -13.22 33.59 -6.52
C ARG A 383 -13.42 32.57 -7.63
N ARG A 384 -12.63 31.50 -7.59
CA ARG A 384 -12.63 30.52 -8.66
C ARG A 384 -13.61 29.36 -8.44
N GLY A 385 -14.25 29.32 -7.27
CA GLY A 385 -15.26 28.31 -6.98
C GLY A 385 -14.68 26.92 -6.77
N VAL A 386 -13.57 26.83 -6.03
CA VAL A 386 -12.84 25.56 -5.86
C VAL A 386 -13.39 24.67 -4.75
N PHE A 387 -14.30 25.18 -3.94
CA PHE A 387 -14.68 24.48 -2.70
C PHE A 387 -15.91 23.61 -2.88
N ILE A 388 -16.02 22.61 -2.01
CA ILE A 388 -17.23 21.80 -1.90
C ILE A 388 -18.33 22.71 -1.33
N THR A 389 -19.53 22.64 -1.91
CA THR A 389 -20.60 23.55 -1.55
C THR A 389 -21.78 22.82 -0.95
N ASN A 390 -22.61 23.58 -0.25
CA ASN A 390 -23.78 23.02 0.39
C ASN A 390 -25.06 23.31 -0.39
N GLU A 391 -26.20 23.04 0.25
CA GLU A 391 -27.52 23.07 -0.38
C GLU A 391 -27.82 24.41 -1.03
N THR A 392 -27.36 25.50 -0.43
CA THR A 392 -27.63 26.82 -0.94
C THR A 392 -26.56 27.30 -1.91
N GLY A 393 -25.52 26.50 -2.11
CA GLY A 393 -24.46 26.80 -3.07
C GLY A 393 -23.26 27.51 -2.49
N GLN A 394 -23.22 27.72 -1.19
CA GLN A 394 -22.08 28.36 -0.56
C GLN A 394 -21.09 27.30 -0.09
N PRO A 395 -19.85 27.70 0.18
CA PRO A 395 -18.89 26.73 0.69
C PRO A 395 -19.35 26.07 1.99
N LEU A 396 -19.19 24.75 2.04
CA LEU A 396 -19.41 24.02 3.27
C LEU A 396 -18.26 24.36 4.21
N ILE A 397 -18.59 24.83 5.41
CA ILE A 397 -17.58 25.21 6.38
C ILE A 397 -17.55 24.19 7.51
N GLY A 398 -16.38 23.62 7.73
CA GLY A 398 -16.16 22.71 8.86
C GLY A 398 -15.13 23.28 9.81
N LYS A 399 -14.52 22.42 10.60
CA LYS A 399 -13.50 22.83 11.56
C LYS A 399 -12.32 21.89 11.48
N VAL A 400 -11.14 22.43 11.22
CA VAL A 400 -9.92 21.64 11.36
C VAL A 400 -8.88 22.48 12.10
N TRP A 401 -7.60 22.27 11.85
CA TRP A 401 -6.57 22.87 12.72
C TRP A 401 -6.63 24.42 12.86
N PRO A 402 -6.86 25.16 11.76
CA PRO A 402 -6.87 26.62 11.94
C PRO A 402 -8.17 27.21 12.43
N GLY A 403 -9.20 26.38 12.61
CA GLY A 403 -10.53 26.84 12.97
C GLY A 403 -11.44 26.53 11.79
N SER A 404 -12.30 27.50 11.43
CA SER A 404 -13.29 27.34 10.37
C SER A 404 -12.59 27.19 9.04
N THR A 405 -13.01 26.21 8.24
CA THR A 405 -12.34 25.91 6.99
C THR A 405 -13.32 25.47 5.90
N ALA A 406 -12.97 25.77 4.66
CA ALA A 406 -13.66 25.23 3.50
C ALA A 406 -12.80 24.09 2.93
N PHE A 407 -13.46 23.18 2.20
CA PHE A 407 -12.81 21.97 1.68
C PHE A 407 -12.70 21.99 0.15
N PRO A 408 -11.48 21.97 -0.38
CA PRO A 408 -11.34 21.93 -1.84
C PRO A 408 -11.99 20.71 -2.46
N ASP A 409 -12.55 20.92 -3.65
CA ASP A 409 -13.15 19.85 -4.42
C ASP A 409 -12.15 19.40 -5.48
N PHE A 410 -11.40 18.34 -5.19
CA PHE A 410 -10.35 17.90 -6.13
C PHE A 410 -10.89 17.13 -7.35
N THR A 411 -12.22 17.09 -7.56
CA THR A 411 -12.80 16.62 -8.81
C THR A 411 -13.11 17.77 -9.75
N ASN A 412 -12.91 19.01 -9.29
CA ASN A 412 -13.18 20.18 -10.09
C ASN A 412 -11.89 20.59 -10.81
N PRO A 413 -11.90 20.60 -12.15
CA PRO A 413 -10.66 21.02 -12.82
C PRO A 413 -10.12 22.37 -12.39
N THR A 414 -10.98 23.30 -12.00
CA THR A 414 -10.52 24.61 -11.58
C THR A 414 -9.78 24.53 -10.24
N ALA A 415 -10.25 23.66 -9.36
CA ALA A 415 -9.56 23.40 -8.09
C ALA A 415 -8.20 22.79 -8.33
N LEU A 416 -8.07 21.94 -9.34
CA LEU A 416 -6.78 21.35 -9.66
C LEU A 416 -5.79 22.45 -10.08
N ALA A 417 -6.27 23.36 -10.91
CA ALA A 417 -5.45 24.49 -11.35
C ALA A 417 -5.08 25.42 -10.20
N TRP A 418 -6.04 25.69 -9.33
CA TRP A 418 -5.81 26.52 -8.13
C TRP A 418 -4.78 25.85 -7.20
N TRP A 419 -4.88 24.53 -7.02
CA TRP A 419 -3.94 23.83 -6.15
C TRP A 419 -2.52 23.87 -6.71
N GLU A 420 -2.40 23.67 -8.03
CA GLU A 420 -1.12 23.83 -8.72
C GLU A 420 -0.53 25.20 -8.45
N ASP A 421 -1.36 26.24 -8.56
CA ASP A 421 -0.88 27.60 -8.35
C ASP A 421 -0.43 27.86 -6.91
N MET A 422 -1.20 27.39 -5.94
CA MET A 422 -0.88 27.61 -4.54
C MET A 422 0.42 26.90 -4.18
N VAL A 423 0.57 25.67 -4.68
CA VAL A 423 1.78 24.90 -4.45
C VAL A 423 2.98 25.57 -5.12
N ALA A 424 2.80 26.01 -6.36
CA ALA A 424 3.88 26.67 -7.08
C ALA A 424 4.30 27.98 -6.39
N GLU A 425 3.31 28.76 -5.96
CA GLU A 425 3.61 30.04 -5.28
C GLU A 425 4.34 29.84 -3.96
N PHE A 426 3.95 28.82 -3.21
CA PHE A 426 4.59 28.57 -1.94
C PHE A 426 5.99 28.03 -2.17
N HIS A 427 6.15 27.18 -3.19
CA HIS A 427 7.46 26.63 -3.54
C HIS A 427 8.45 27.73 -3.98
N ASP A 428 7.92 28.80 -4.59
CA ASP A 428 8.74 29.97 -4.92
C ASP A 428 9.28 30.65 -3.67
N GLN A 429 8.55 30.56 -2.56
CA GLN A 429 9.02 31.12 -1.30
C GLN A 429 9.93 30.17 -0.53
N VAL A 430 9.56 28.89 -0.47
CA VAL A 430 10.28 27.86 0.29
C VAL A 430 10.38 26.61 -0.59
N PRO A 431 11.59 26.20 -1.00
CA PRO A 431 11.71 25.17 -2.03
C PRO A 431 11.62 23.73 -1.47
N PHE A 432 10.46 23.39 -0.92
CA PHE A 432 10.23 22.04 -0.40
C PHE A 432 10.26 21.00 -1.52
N ASP A 433 10.49 19.74 -1.17
CA ASP A 433 10.80 18.70 -2.14
C ASP A 433 9.71 17.68 -2.35
N GLY A 434 8.63 17.80 -1.59
CA GLY A 434 7.48 16.93 -1.71
C GLY A 434 6.37 17.42 -0.79
N MET A 435 5.30 16.64 -0.69
CA MET A 435 4.15 17.03 0.09
C MET A 435 3.66 15.84 0.91
N TRP A 436 3.50 16.09 2.20
CA TRP A 436 2.93 15.17 3.16
C TRP A 436 1.48 15.62 3.32
N ILE A 437 0.57 14.86 2.72
CA ILE A 437 -0.84 15.23 2.71
C ILE A 437 -1.64 14.44 3.75
N ASP A 438 -2.08 15.16 4.77
CA ASP A 438 -2.75 14.62 5.93
C ASP A 438 -4.22 15.06 5.94
N MET A 439 -5.02 14.50 6.86
CA MET A 439 -6.37 14.99 7.17
C MET A 439 -7.31 14.90 5.97
N ASN A 440 -7.01 14.01 5.04
CA ASN A 440 -7.68 14.02 3.75
C ASN A 440 -8.69 12.92 3.55
N GLU A 441 -9.40 12.57 4.63
CA GLU A 441 -10.51 11.64 4.55
C GLU A 441 -11.78 12.16 3.83
N PRO A 442 -12.14 13.46 3.97
CA PRO A 442 -11.53 14.55 4.71
C PRO A 442 -11.94 14.55 6.18
N SER A 443 -11.00 14.88 7.05
CA SER A 443 -11.25 14.90 8.48
C SER A 443 -11.92 16.22 8.87
N ASN A 444 -12.96 16.13 9.69
CA ASN A 444 -13.69 17.30 10.19
C ASN A 444 -13.85 17.16 11.71
N PHE A 445 -13.57 18.23 12.46
CA PHE A 445 -13.58 18.14 13.92
C PHE A 445 -14.98 18.26 14.51
N ILE A 446 -15.94 18.59 13.66
CA ILE A 446 -17.35 18.64 14.04
C ILE A 446 -18.11 17.76 13.05
N ARG A 447 -19.39 17.55 13.34
CA ARG A 447 -20.25 16.66 12.56
CA ARG A 447 -20.21 16.64 12.54
C ARG A 447 -20.82 17.37 11.33
N GLY A 448 -20.32 17.01 10.16
CA GLY A 448 -20.91 17.49 8.91
C GLY A 448 -20.45 18.88 8.50
N SER A 449 -20.93 19.89 9.22
CA SER A 449 -20.53 21.27 8.99
C SER A 449 -20.91 22.09 10.19
N GLU A 450 -20.44 23.34 10.22
CA GLU A 450 -20.86 24.30 11.25
C GLU A 450 -22.36 24.48 11.28
N ASP A 451 -23.01 24.22 10.14
CA ASP A 451 -24.45 24.41 10.01
C ASP A 451 -25.20 23.09 9.98
N GLY A 452 -24.54 22.04 10.44
CA GLY A 452 -25.10 20.69 10.43
C GLY A 452 -25.31 20.22 9.00
N CYS A 453 -26.22 19.27 8.82
CA CYS A 453 -26.52 18.73 7.50
C CYS A 453 -28.00 18.62 7.32
N PRO A 454 -28.47 18.69 6.08
CA PRO A 454 -29.91 18.61 5.90
C PRO A 454 -30.43 17.20 6.14
N ASN A 455 -31.74 17.06 6.17
CA ASN A 455 -32.37 15.77 6.28
C ASN A 455 -32.75 15.32 4.88
N ASN A 456 -31.98 14.39 4.34
CA ASN A 456 -32.34 13.77 3.07
C ASN A 456 -31.81 12.35 3.05
N GLU A 457 -32.06 11.65 1.94
CA GLU A 457 -31.72 10.23 1.79
C GLU A 457 -30.23 9.94 1.74
N LEU A 458 -29.44 10.92 1.32
CA LEU A 458 -27.99 10.74 1.31
C LEU A 458 -27.40 10.87 2.71
N GLU A 459 -27.92 11.80 3.51
CA GLU A 459 -27.46 11.95 4.90
C GLU A 459 -27.99 10.83 5.80
N ASN A 460 -29.18 10.35 5.49
CA ASN A 460 -29.87 9.32 6.29
C ASN A 460 -30.29 8.17 5.38
N PRO A 461 -29.32 7.37 4.93
CA PRO A 461 -29.59 6.33 3.95
C PRO A 461 -30.26 5.10 4.54
N PRO A 462 -30.88 4.27 3.70
CA PRO A 462 -31.63 3.13 4.23
C PRO A 462 -30.75 2.03 4.85
N TYR A 463 -29.49 1.94 4.40
CA TYR A 463 -28.52 1.04 5.00
C TYR A 463 -27.28 1.83 5.35
N VAL A 464 -26.91 1.85 6.64
CA VAL A 464 -25.67 2.49 7.05
C VAL A 464 -24.66 1.41 7.38
N PRO A 465 -23.53 1.36 6.64
CA PRO A 465 -22.51 0.36 6.95
C PRO A 465 -21.95 0.54 8.38
N GLY A 466 -21.12 -0.38 8.82
CA GLY A 466 -20.70 -0.45 10.21
C GLY A 466 -19.62 0.54 10.58
N VAL A 467 -19.83 1.81 10.22
CA VAL A 467 -18.83 2.86 10.42
C VAL A 467 -18.78 3.24 11.90
N VAL A 468 -17.59 3.61 12.36
CA VAL A 468 -17.43 4.18 13.69
C VAL A 468 -18.30 5.44 13.77
N GLY A 469 -19.07 5.55 14.85
CA GLY A 469 -20.00 6.67 15.07
C GLY A 469 -21.39 6.46 14.49
N GLY A 470 -21.56 5.38 13.72
CA GLY A 470 -22.88 5.00 13.20
C GLY A 470 -23.55 5.93 12.19
N THR A 471 -22.81 6.89 11.63
CA THR A 471 -23.33 7.81 10.63
C THR A 471 -22.22 8.09 9.62
N LEU A 472 -22.58 8.33 8.38
CA LEU A 472 -21.58 8.72 7.38
C LEU A 472 -20.99 10.11 7.61
N GLN A 473 -21.67 10.97 8.39
CA GLN A 473 -21.17 12.32 8.68
C GLN A 473 -20.12 12.37 9.78
N ALA A 474 -19.99 11.31 10.57
CA ALA A 474 -19.13 11.36 11.75
C ALA A 474 -17.69 11.61 11.33
N ALA A 475 -17.09 12.64 11.92
CA ALA A 475 -15.70 13.05 11.72
C ALA A 475 -15.40 13.48 10.29
N THR A 476 -16.45 13.82 9.55
CA THR A 476 -16.26 14.25 8.17
C THR A 476 -17.31 15.28 7.75
N ILE A 477 -17.49 15.47 6.46
CA ILE A 477 -18.40 16.50 5.96
C ILE A 477 -19.72 15.89 5.50
N CYS A 478 -20.71 16.73 5.25
CA CYS A 478 -22.05 16.26 4.85
C CYS A 478 -21.98 15.39 3.60
N ALA A 479 -22.70 14.26 3.63
CA ALA A 479 -22.80 13.37 2.49
C ALA A 479 -23.51 13.97 1.26
N SER A 480 -24.45 14.89 1.46
CA SER A 480 -25.17 15.46 0.33
C SER A 480 -24.49 16.73 -0.20
N SER A 481 -23.30 17.05 0.31
CA SER A 481 -22.56 18.20 -0.21
C SER A 481 -22.17 17.97 -1.67
N HIS A 482 -21.95 19.08 -2.37
CA HIS A 482 -21.79 19.06 -3.81
C HIS A 482 -20.33 19.13 -4.24
N GLN A 483 -19.94 18.21 -5.12
CA GLN A 483 -18.69 18.29 -5.84
C GLN A 483 -18.97 18.33 -7.33
N PHE A 484 -17.93 18.60 -8.11
CA PHE A 484 -18.07 18.77 -9.55
C PHE A 484 -18.60 17.50 -10.23
N LEU A 485 -18.08 16.33 -9.85
CA LEU A 485 -18.48 15.07 -10.49
C LEU A 485 -19.73 14.44 -9.93
N SER A 486 -19.98 14.63 -8.65
CA SER A 486 -21.11 14.00 -7.98
C SER A 486 -21.22 14.55 -6.56
N THR A 487 -22.08 13.95 -5.76
CA THR A 487 -22.18 14.29 -4.36
C THR A 487 -21.04 13.65 -3.58
N HIS A 488 -20.74 14.22 -2.42
CA HIS A 488 -19.76 13.65 -1.53
C HIS A 488 -20.09 12.21 -1.13
N TYR A 489 -21.36 11.89 -1.10
CA TYR A 489 -21.81 10.54 -0.79
C TYR A 489 -21.12 9.50 -1.65
N ASN A 490 -20.99 9.77 -2.95
CA ASN A 490 -20.40 8.87 -3.90
C ASN A 490 -18.89 9.02 -3.95
N LEU A 491 -18.40 10.21 -3.65
CA LEU A 491 -16.99 10.56 -3.87
C LEU A 491 -16.11 10.51 -2.64
N HIS A 492 -16.70 10.37 -1.46
CA HIS A 492 -15.95 10.46 -0.22
C HIS A 492 -14.69 9.60 -0.17
N ASN A 493 -14.83 8.33 -0.54
CA ASN A 493 -13.70 7.42 -0.44
C ASN A 493 -12.58 7.74 -1.43
N LEU A 494 -12.85 8.63 -2.39
CA LEU A 494 -11.84 9.14 -3.31
C LEU A 494 -11.20 10.46 -2.91
N TYR A 495 -11.62 11.07 -1.81
CA TYR A 495 -11.15 12.44 -1.49
C TYR A 495 -9.63 12.48 -1.44
N GLY A 496 -9.05 11.56 -0.66
CA GLY A 496 -7.60 11.53 -0.51
C GLY A 496 -6.87 11.23 -1.80
N LEU A 497 -7.38 10.24 -2.54
CA LEU A 497 -6.82 9.88 -3.84
C LEU A 497 -6.82 11.09 -4.78
N THR A 498 -7.93 11.80 -4.84
CA THR A 498 -8.02 12.95 -5.76
C THR A 498 -7.06 14.05 -5.34
N GLU A 499 -6.89 14.26 -4.04
CA GLU A 499 -5.86 15.21 -3.58
C GLU A 499 -4.45 14.74 -3.94
N ALA A 500 -4.23 13.43 -3.84
CA ALA A 500 -2.90 12.86 -4.17
C ALA A 500 -2.58 13.06 -5.65
N ILE A 501 -3.59 12.86 -6.49
CA ILE A 501 -3.43 13.11 -7.94
C ILE A 501 -3.12 14.60 -8.19
N ALA A 502 -3.89 15.48 -7.56
CA ALA A 502 -3.71 16.93 -7.72
C ALA A 502 -2.32 17.38 -7.28
N SER A 503 -1.84 16.80 -6.18
CA SER A 503 -0.56 17.14 -5.59
C SER A 503 0.60 16.58 -6.43
N HIS A 504 0.46 15.35 -6.92
CA HIS A 504 1.42 14.76 -7.85
C HIS A 504 1.65 15.71 -9.05
N ARG A 505 0.56 16.14 -9.67
CA ARG A 505 0.61 17.06 -10.83
C ARG A 505 1.23 18.41 -10.43
N ALA A 506 0.82 18.93 -9.28
CA ALA A 506 1.35 20.20 -8.78
C ALA A 506 2.85 20.19 -8.57
N LEU A 507 3.36 19.06 -8.07
CA LEU A 507 4.80 18.92 -7.82
C LEU A 507 5.62 18.74 -9.08
N VAL A 508 5.05 18.03 -10.05
CA VAL A 508 5.69 17.89 -11.34
C VAL A 508 5.87 19.27 -11.98
N LYS A 509 4.82 20.07 -11.92
CA LYS A 509 4.86 21.41 -12.53
C LYS A 509 5.76 22.39 -11.79
N ALA A 510 5.78 22.29 -10.47
CA ALA A 510 6.57 23.21 -9.65
C ALA A 510 8.06 22.92 -9.67
N ARG A 511 8.44 21.64 -9.74
CA ARG A 511 9.83 21.22 -9.57
C ARG A 511 10.46 20.61 -10.82
N GLY A 512 9.63 20.02 -11.69
CA GLY A 512 10.11 19.44 -12.94
C GLY A 512 10.86 18.12 -12.81
N THR A 513 10.79 17.50 -11.62
CA THR A 513 11.38 16.19 -11.36
C THR A 513 10.32 15.32 -10.70
N ARG A 514 10.64 14.06 -10.44
CA ARG A 514 9.68 13.12 -9.84
C ARG A 514 9.05 13.60 -8.56
N PRO A 515 7.71 13.47 -8.44
CA PRO A 515 7.08 13.91 -7.22
C PRO A 515 7.19 12.91 -6.07
N PHE A 516 7.15 13.44 -4.86
CA PHE A 516 7.14 12.61 -3.67
C PHE A 516 5.99 13.02 -2.78
N VAL A 517 4.89 12.26 -2.87
CA VAL A 517 3.68 12.55 -2.12
C VAL A 517 3.42 11.39 -1.17
N ILE A 518 3.23 11.72 0.11
CA ILE A 518 2.89 10.73 1.14
C ILE A 518 1.54 11.12 1.73
N SER A 519 0.55 10.23 1.62
CA SER A 519 -0.84 10.54 1.93
C SER A 519 -1.41 9.65 3.04
N ARG A 520 -2.25 10.24 3.88
CA ARG A 520 -2.95 9.44 4.90
C ARG A 520 -4.10 8.64 4.27
N SER A 521 -5.06 9.33 3.70
CA SER A 521 -6.18 8.66 3.07
C SER A 521 -5.86 8.16 1.66
N THR A 522 -6.40 7.00 1.32
CA THR A 522 -6.14 6.34 0.04
C THR A 522 -7.38 5.61 -0.46
N PHE A 523 -7.36 5.30 -1.74
CA PHE A 523 -8.32 4.43 -2.40
C PHE A 523 -7.54 3.57 -3.40
N ALA A 524 -8.19 2.53 -3.88
CA ALA A 524 -7.61 1.67 -4.92
C ALA A 524 -7.03 2.49 -6.05
N GLY A 525 -5.79 2.15 -6.41
CA GLY A 525 -5.06 2.85 -7.46
C GLY A 525 -4.17 3.98 -6.96
N HIS A 526 -4.20 4.22 -5.67
CA HIS A 526 -3.41 5.29 -5.03
C HIS A 526 -1.92 5.23 -5.35
N GLY A 527 -1.38 4.02 -5.40
CA GLY A 527 0.04 3.83 -5.58
C GLY A 527 0.59 4.33 -6.89
N ARG A 528 -0.26 4.47 -7.89
CA ARG A 528 0.14 5.09 -9.17
C ARG A 528 0.62 6.53 -8.99
N TYR A 529 0.21 7.19 -7.89
CA TYR A 529 0.52 8.61 -7.66
C TYR A 529 1.33 8.91 -6.41
N ALA A 530 1.28 8.04 -5.41
CA ALA A 530 1.72 8.44 -4.09
C ALA A 530 1.99 7.27 -3.16
N GLY A 531 2.62 7.57 -2.04
CA GLY A 531 2.82 6.60 -0.97
C GLY A 531 1.84 6.82 0.17
N HIS A 532 2.06 6.08 1.25
CA HIS A 532 1.14 6.04 2.40
C HIS A 532 1.93 5.77 3.67
N TRP A 533 1.49 6.37 4.79
CA TRP A 533 1.92 5.87 6.09
C TRP A 533 0.66 5.49 6.86
N THR A 534 0.83 4.61 7.85
CA THR A 534 -0.30 3.95 8.47
C THR A 534 -0.99 4.76 9.56
N GLY A 535 -0.54 6.01 9.75
CA GLY A 535 -1.24 6.98 10.58
C GLY A 535 -0.85 6.98 12.05
N ASP A 536 -1.81 7.32 12.90
CA ASP A 536 -1.50 7.61 14.31
C ASP A 536 -1.42 6.36 15.16
N VAL A 537 -0.40 5.54 14.88
CA VAL A 537 -0.19 4.33 15.66
C VAL A 537 0.39 4.65 17.05
N TRP A 538 -0.04 3.92 18.06
CA TRP A 538 0.57 4.00 19.39
C TRP A 538 1.99 3.44 19.45
N SER A 539 2.82 4.01 20.32
CA SER A 539 4.12 3.43 20.60
C SER A 539 3.95 2.22 21.50
N SER A 540 3.58 1.09 20.91
CA SER A 540 3.33 -0.15 21.63
C SER A 540 3.91 -1.34 20.87
N TRP A 541 4.25 -2.39 21.60
CA TRP A 541 4.73 -3.62 21.01
C TRP A 541 3.67 -4.21 20.09
N GLU A 542 2.41 -4.10 20.49
CA GLU A 542 1.28 -4.56 19.68
C GLU A 542 1.25 -3.87 18.32
N GLN A 543 1.44 -2.56 18.30
CA GLN A 543 1.41 -1.81 17.03
C GLN A 543 2.65 -2.05 16.17
N LEU A 544 3.82 -2.23 16.80
CA LEU A 544 5.00 -2.68 16.07
C LEU A 544 4.68 -3.98 15.32
N ALA A 545 4.18 -5.00 16.04
CA ALA A 545 3.83 -6.25 15.41
C ALA A 545 2.79 -6.09 14.29
N SER A 546 1.76 -5.30 14.55
CA SER A 546 0.67 -5.10 13.58
C SER A 546 1.11 -4.34 12.33
N SER A 547 2.23 -3.64 12.41
CA SER A 547 2.72 -2.88 11.25
C SER A 547 3.21 -3.83 10.15
N VAL A 548 3.64 -5.04 10.50
CA VAL A 548 4.15 -5.95 9.48
C VAL A 548 3.02 -6.40 8.52
N PRO A 549 1.92 -6.97 9.03
CA PRO A 549 0.87 -7.31 8.08
C PRO A 549 0.31 -6.10 7.32
N GLU A 550 0.28 -4.93 7.95
CA GLU A 550 -0.29 -3.76 7.28
C GLU A 550 0.59 -3.27 6.11
N ILE A 551 1.90 -3.25 6.33
CA ILE A 551 2.84 -2.88 5.25
C ILE A 551 2.77 -3.91 4.11
N LEU A 552 2.68 -5.18 4.46
CA LEU A 552 2.51 -6.24 3.44
C LEU A 552 1.22 -6.07 2.64
N GLN A 553 0.13 -5.75 3.34
CA GLN A 553 -1.16 -5.56 2.71
CA GLN A 553 -1.16 -5.58 2.69
C GLN A 553 -1.14 -4.46 1.67
N PHE A 554 -0.56 -3.32 2.03
CA PHE A 554 -0.46 -2.21 1.09
C PHE A 554 0.41 -2.53 -0.11
N ASN A 555 1.44 -3.35 0.08
CA ASN A 555 2.21 -3.83 -1.08
C ASN A 555 1.35 -4.67 -2.04
N LEU A 556 0.52 -5.54 -1.48
CA LEU A 556 -0.40 -6.33 -2.32
C LEU A 556 -1.39 -5.44 -3.06
N LEU A 557 -1.68 -4.26 -2.50
CA LEU A 557 -2.64 -3.31 -3.08
C LEU A 557 -2.00 -2.26 -3.99
N GLY A 558 -0.72 -2.47 -4.31
CA GLY A 558 0.01 -1.61 -5.24
C GLY A 558 0.43 -0.27 -4.66
N VAL A 559 0.57 -0.21 -3.35
CA VAL A 559 1.12 0.96 -2.66
C VAL A 559 2.39 0.51 -1.92
N PRO A 560 3.45 0.20 -2.66
CA PRO A 560 4.66 -0.30 -2.03
C PRO A 560 5.42 0.72 -1.20
N LEU A 561 5.26 2.01 -1.51
CA LEU A 561 5.90 3.04 -0.72
C LEU A 561 5.03 3.26 0.51
N VAL A 562 5.23 2.40 1.50
CA VAL A 562 4.42 2.42 2.71
C VAL A 562 5.30 2.11 3.92
N GLY A 563 4.88 2.67 5.05
CA GLY A 563 5.53 2.44 6.32
C GLY A 563 4.66 2.92 7.49
N ALA A 564 5.10 2.60 8.70
CA ALA A 564 4.52 3.12 9.91
C ALA A 564 5.52 4.07 10.54
N ASP A 565 5.01 4.95 11.39
CA ASP A 565 5.87 5.86 12.14
C ASP A 565 6.81 5.05 13.05
N VAL A 566 8.10 5.11 12.73
CA VAL A 566 9.10 4.32 13.42
C VAL A 566 9.21 4.80 14.87
N CYS A 567 9.14 3.83 15.78
CA CYS A 567 9.03 4.00 17.25
C CYS A 567 7.63 4.36 17.72
N GLY A 568 6.69 4.51 16.79
CA GLY A 568 5.31 4.84 17.08
C GLY A 568 5.05 6.33 17.24
N PHE A 569 3.83 6.76 16.95
CA PHE A 569 3.46 8.16 16.99
C PHE A 569 2.90 8.60 18.36
N LEU A 570 1.81 7.98 18.78
CA LEU A 570 1.12 8.38 20.03
C LEU A 570 1.83 7.81 21.24
N GLY A 571 1.76 8.54 22.35
CA GLY A 571 2.33 8.09 23.60
C GLY A 571 3.83 8.19 23.62
N ASN A 572 4.43 7.58 24.64
CA ASN A 572 5.88 7.57 24.80
C ASN A 572 6.45 6.21 24.48
N THR A 573 7.47 6.20 23.63
CA THR A 573 8.15 4.96 23.29
C THR A 573 9.10 4.62 24.44
N SER A 574 9.61 3.40 24.44
CA SER A 574 10.66 2.98 25.34
C SER A 574 11.90 2.79 24.51
N GLU A 575 13.05 2.77 25.17
CA GLU A 575 14.29 2.56 24.45
C GLU A 575 14.32 1.20 23.76
N GLU A 576 13.87 0.15 24.47
CA GLU A 576 13.85 -1.19 23.87
C GLU A 576 12.91 -1.23 22.65
N LEU A 577 11.72 -0.66 22.80
CA LEU A 577 10.76 -0.64 21.71
C LEU A 577 11.33 0.10 20.50
N CYS A 578 11.97 1.23 20.74
CA CYS A 578 12.52 2.01 19.64
C CYS A 578 13.69 1.32 18.96
N VAL A 579 14.50 0.53 19.68
CA VAL A 579 15.53 -0.29 19.02
C VAL A 579 14.88 -1.30 18.08
N ARG A 580 13.92 -2.08 18.58
CA ARG A 580 13.25 -3.10 17.78
C ARG A 580 12.46 -2.50 16.63
N TRP A 581 11.84 -1.34 16.86
CA TRP A 581 11.05 -0.68 15.82
C TRP A 581 11.95 -0.07 14.73
N THR A 582 13.11 0.44 15.11
CA THR A 582 14.05 0.92 14.13
C THR A 582 14.64 -0.23 13.30
N GLN A 583 14.93 -1.35 13.95
CA GLN A 583 15.41 -2.55 13.26
C GLN A 583 14.43 -3.04 12.19
N LEU A 584 13.16 -3.20 12.58
CA LEU A 584 12.12 -3.64 11.65
C LEU A 584 11.81 -2.54 10.64
N GLY A 585 11.72 -1.31 11.14
CA GLY A 585 11.36 -0.15 10.33
C GLY A 585 12.35 0.17 9.24
N ALA A 586 13.61 -0.25 9.43
CA ALA A 586 14.63 -0.13 8.40
C ALA A 586 14.32 -1.00 7.20
N PHE A 587 13.33 -1.88 7.33
CA PHE A 587 12.83 -2.66 6.22
C PHE A 587 11.43 -2.25 5.75
N TYR A 588 10.90 -1.15 6.27
CA TYR A 588 9.72 -0.54 5.66
C TYR A 588 10.19 0.08 4.35
N PRO A 589 9.44 -0.12 3.26
CA PRO A 589 9.90 0.57 2.05
C PRO A 589 9.95 2.11 2.19
N PHE A 590 9.03 2.67 2.97
CA PHE A 590 9.06 4.08 3.39
C PHE A 590 9.41 4.13 4.88
N MET A 591 10.56 4.72 5.20
CA MET A 591 11.08 4.72 6.57
C MET A 591 11.17 6.11 7.17
N ARG A 592 10.22 6.41 8.04
CA ARG A 592 10.16 7.69 8.72
C ARG A 592 9.88 7.47 10.19
N ASN A 593 10.67 8.11 11.04
CA ASN A 593 10.38 8.23 12.46
C ASN A 593 9.63 9.57 12.64
N HIS A 594 8.43 9.52 13.22
CA HIS A 594 7.59 10.69 13.43
C HIS A 594 6.94 10.53 14.80
N ASN A 595 6.66 11.63 15.47
CA ASN A 595 6.36 11.65 16.90
C ASN A 595 5.37 12.76 17.21
N SER A 596 4.51 12.50 18.20
CA SER A 596 3.42 13.44 18.53
C SER A 596 3.91 14.59 19.41
N LEU A 597 3.09 15.62 19.48
CA LEU A 597 3.44 16.85 20.17
C LEU A 597 3.71 16.62 21.66
N LEU A 598 2.93 15.75 22.29
CA LEU A 598 3.04 15.54 23.73
C LEU A 598 3.99 14.42 24.13
N SER A 599 4.68 13.82 23.17
CA SER A 599 5.52 12.65 23.47
C SER A 599 6.95 13.04 23.84
N LEU A 600 7.60 12.16 24.58
CA LEU A 600 9.04 12.28 24.81
C LEU A 600 9.80 12.08 23.49
N PRO A 601 11.00 12.67 23.38
CA PRO A 601 11.76 12.57 22.13
C PRO A 601 12.14 11.15 21.79
N GLN A 602 12.24 10.86 20.50
CA GLN A 602 12.61 9.52 20.06
C GLN A 602 13.51 9.54 18.81
N GLU A 603 14.26 10.63 18.61
CA GLU A 603 15.25 10.65 17.55
C GLU A 603 16.37 9.66 17.94
N PRO A 604 17.00 9.00 16.97
CA PRO A 604 18.05 8.02 17.27
C PRO A 604 19.13 8.52 18.26
N TYR A 605 19.51 9.78 18.14
CA TYR A 605 20.55 10.36 19.02
C TYR A 605 20.11 10.62 20.45
N SER A 606 18.82 10.48 20.74
CA SER A 606 18.28 10.74 22.08
C SER A 606 18.35 9.54 23.04
N PHE A 607 18.91 8.41 22.58
CA PHE A 607 18.96 7.20 23.40
C PHE A 607 20.37 6.89 23.95
N SER A 608 20.48 5.84 24.76
CA SER A 608 21.77 5.42 25.30
C SER A 608 22.72 4.94 24.18
N GLU A 609 24.00 4.87 24.50
CA GLU A 609 25.00 4.49 23.51
C GLU A 609 24.75 3.13 22.87
N PRO A 610 24.43 2.10 23.68
CA PRO A 610 24.16 0.80 23.08
C PRO A 610 22.96 0.85 22.13
N ALA A 611 21.91 1.55 22.53
CA ALA A 611 20.73 1.70 21.65
C ALA A 611 21.08 2.49 20.38
N GLN A 612 21.85 3.55 20.54
CA GLN A 612 22.35 4.30 19.38
C GLN A 612 23.13 3.40 18.41
N GLN A 613 24.01 2.56 18.94
CA GLN A 613 24.76 1.62 18.08
C GLN A 613 23.86 0.68 17.29
N ALA A 614 22.85 0.10 17.94
CA ALA A 614 21.91 -0.79 17.25
C ALA A 614 21.08 -0.05 16.19
N MET A 615 20.63 1.16 16.51
CA MET A 615 19.90 1.99 15.54
C MET A 615 20.80 2.39 14.36
N ARG A 616 22.05 2.73 14.64
CA ARG A 616 22.99 3.10 13.59
C ARG A 616 23.26 1.93 12.64
N LYS A 617 23.39 0.74 13.20
CA LYS A 617 23.58 -0.47 12.41
C LYS A 617 22.42 -0.71 11.46
N ALA A 618 21.20 -0.55 11.96
CA ALA A 618 19.99 -0.72 11.13
C ALA A 618 19.94 0.29 9.98
N LEU A 619 20.22 1.55 10.27
CA LEU A 619 20.25 2.57 9.22
C LEU A 619 21.38 2.33 8.21
N THR A 620 22.54 1.93 8.72
CA THR A 620 23.69 1.64 7.85
C THR A 620 23.38 0.51 6.88
N LEU A 621 22.76 -0.55 7.38
CA LEU A 621 22.41 -1.67 6.55
C LEU A 621 21.38 -1.26 5.48
N ARG A 622 20.36 -0.50 5.88
CA ARG A 622 19.39 -0.03 4.90
C ARG A 622 20.08 0.77 3.81
N TYR A 623 20.95 1.70 4.19
CA TYR A 623 21.65 2.49 3.19
C TYR A 623 22.51 1.63 2.27
N ALA A 624 23.14 0.60 2.81
CA ALA A 624 23.95 -0.31 2.00
C ALA A 624 23.06 -1.03 0.97
N LEU A 625 21.82 -1.30 1.38
CA LEU A 625 20.86 -2.01 0.53
C LEU A 625 20.12 -1.16 -0.50
N LEU A 626 20.32 0.16 -0.49
CA LEU A 626 19.48 1.05 -1.30
C LEU A 626 19.49 0.78 -2.80
N PRO A 627 20.66 0.44 -3.39
CA PRO A 627 20.61 0.10 -4.82
C PRO A 627 19.66 -1.06 -5.10
N HIS A 628 19.60 -2.02 -4.18
CA HIS A 628 18.71 -3.17 -4.31
C HIS A 628 17.24 -2.76 -4.10
N LEU A 629 16.98 -2.02 -3.02
CA LEU A 629 15.63 -1.51 -2.77
C LEU A 629 15.11 -0.67 -3.95
N TYR A 630 15.96 0.17 -4.51
CA TYR A 630 15.61 0.97 -5.68
C TYR A 630 15.27 0.10 -6.88
N THR A 631 16.02 -0.96 -7.08
CA THR A 631 15.76 -1.90 -8.17
C THR A 631 14.40 -2.59 -7.96
N LEU A 632 14.09 -2.91 -6.70
CA LEU A 632 12.79 -3.49 -6.39
C LEU A 632 11.67 -2.51 -6.73
N PHE A 633 11.85 -1.22 -6.45
CA PHE A 633 10.84 -0.23 -6.81
C PHE A 633 10.70 -0.12 -8.33
N HIS A 634 11.82 -0.25 -9.04
CA HIS A 634 11.76 -0.27 -10.51
C HIS A 634 10.92 -1.45 -11.02
N GLN A 635 11.11 -2.62 -10.45
CA GLN A 635 10.27 -3.77 -10.79
C GLN A 635 8.79 -3.56 -10.45
N ALA A 636 8.50 -2.90 -9.33
CA ALA A 636 7.12 -2.55 -8.99
C ALA A 636 6.56 -1.63 -10.07
N HIS A 637 7.34 -0.64 -10.45
CA HIS A 637 6.89 0.38 -11.38
C HIS A 637 6.71 -0.13 -12.81
N VAL A 638 7.57 -1.05 -13.23
CA VAL A 638 7.57 -1.54 -14.63
C VAL A 638 6.75 -2.81 -14.81
N ALA A 639 6.58 -3.60 -13.75
CA ALA A 639 5.97 -4.92 -13.90
C ALA A 639 4.90 -5.24 -12.85
N GLY A 640 4.51 -4.29 -12.01
CA GLY A 640 3.47 -4.54 -11.01
C GLY A 640 3.87 -5.51 -9.91
N GLU A 641 5.17 -5.59 -9.61
CA GLU A 641 5.67 -6.43 -8.53
CA GLU A 641 5.67 -6.43 -8.54
C GLU A 641 5.50 -5.73 -7.18
N THR A 642 5.55 -6.52 -6.11
CA THR A 642 5.57 -6.01 -4.76
C THR A 642 7.02 -5.75 -4.36
N VAL A 643 7.21 -4.90 -3.35
CA VAL A 643 8.55 -4.59 -2.82
C VAL A 643 8.75 -5.36 -1.54
N ALA A 644 7.96 -5.06 -0.51
CA ALA A 644 7.84 -5.90 0.66
C ALA A 644 6.74 -6.91 0.39
N ARG A 645 7.04 -8.19 0.55
CA ARG A 645 6.06 -9.21 0.21
C ARG A 645 5.96 -10.32 1.24
N PRO A 646 4.75 -10.85 1.43
CA PRO A 646 4.58 -11.93 2.39
C PRO A 646 5.21 -13.21 1.84
N LEU A 647 5.56 -14.12 2.73
CA LEU A 647 6.21 -15.37 2.28
C LEU A 647 5.30 -16.13 1.30
N PHE A 648 3.99 -16.08 1.51
CA PHE A 648 3.08 -16.81 0.65
C PHE A 648 3.06 -16.29 -0.79
N LEU A 649 3.42 -15.03 -1.02
CA LEU A 649 3.53 -14.55 -2.41
C LEU A 649 4.69 -15.20 -3.13
N GLU A 650 5.75 -15.53 -2.39
CA GLU A 650 6.94 -16.03 -3.02
C GLU A 650 6.98 -17.55 -3.03
N PHE A 651 6.35 -18.16 -2.02
CA PHE A 651 6.33 -19.62 -1.87
C PHE A 651 4.90 -20.13 -1.68
N PRO A 652 4.00 -19.83 -2.63
CA PRO A 652 2.58 -20.14 -2.41
C PRO A 652 2.27 -21.64 -2.33
N LYS A 653 3.12 -22.48 -2.93
CA LYS A 653 2.89 -23.93 -2.92
C LYS A 653 3.26 -24.57 -1.59
N ASP A 654 3.88 -23.82 -0.70
CA ASP A 654 4.13 -24.28 0.67
C ASP A 654 3.05 -23.67 1.57
N SER A 655 2.03 -24.45 1.92
CA SER A 655 0.90 -23.91 2.66
C SER A 655 1.25 -23.49 4.09
N SER A 656 2.39 -23.92 4.63
CA SER A 656 2.86 -23.42 5.94
C SER A 656 3.13 -21.91 5.92
N THR A 657 3.35 -21.35 4.74
CA THR A 657 3.56 -19.90 4.62
C THR A 657 2.27 -19.07 4.66
N TRP A 658 1.10 -19.67 4.48
CA TRP A 658 -0.09 -18.89 4.20
C TRP A 658 -0.47 -17.96 5.33
N THR A 659 -0.22 -18.36 6.57
CA THR A 659 -0.60 -17.54 7.72
C THR A 659 0.56 -16.71 8.29
N VAL A 660 1.72 -16.73 7.64
CA VAL A 660 2.88 -16.02 8.17
C VAL A 660 2.75 -14.54 7.80
N ASP A 661 2.68 -13.68 8.80
CA ASP A 661 2.67 -12.22 8.56
C ASP A 661 3.54 -11.40 9.53
N HIS A 662 4.41 -12.07 10.31
CA HIS A 662 5.37 -11.35 11.17
C HIS A 662 6.81 -11.52 10.71
N GLN A 663 6.97 -12.11 9.53
CA GLN A 663 8.14 -12.02 8.71
C GLN A 663 7.78 -11.36 7.39
N LEU A 664 8.78 -10.79 6.72
CA LEU A 664 8.60 -10.24 5.39
C LEU A 664 9.78 -10.56 4.51
N LEU A 665 9.53 -10.56 3.21
CA LEU A 665 10.62 -10.55 2.21
C LEU A 665 10.76 -9.17 1.60
N TRP A 666 11.99 -8.80 1.25
CA TRP A 666 12.20 -7.77 0.24
C TRP A 666 12.43 -8.56 -1.05
N GLY A 667 11.53 -8.37 -2.01
CA GLY A 667 11.60 -9.07 -3.27
C GLY A 667 11.57 -10.57 -3.07
N GLU A 668 12.36 -11.26 -3.89
CA GLU A 668 12.41 -12.72 -3.87
C GLU A 668 13.33 -13.30 -2.80
N ALA A 669 14.33 -12.52 -2.37
CA ALA A 669 15.55 -13.10 -1.80
C ALA A 669 15.96 -12.72 -0.38
N LEU A 670 15.40 -11.65 0.18
CA LEU A 670 15.83 -11.21 1.52
C LEU A 670 14.70 -11.44 2.51
N LEU A 671 14.94 -12.32 3.46
CA LEU A 671 13.94 -12.67 4.46
C LEU A 671 14.31 -12.00 5.78
N ILE A 672 13.38 -11.23 6.30
CA ILE A 672 13.55 -10.49 7.52
C ILE A 672 12.65 -11.07 8.61
N THR A 673 13.25 -11.40 9.75
CA THR A 673 12.55 -12.08 10.83
C THR A 673 12.76 -11.26 12.11
N PRO A 674 11.91 -10.24 12.33
CA PRO A 674 12.12 -9.32 13.44
C PRO A 674 11.68 -9.85 14.78
N VAL A 675 12.33 -9.40 15.84
CA VAL A 675 11.78 -9.52 17.18
C VAL A 675 10.72 -8.42 17.34
N LEU A 676 9.54 -8.80 17.83
CA LEU A 676 8.38 -7.91 17.91
C LEU A 676 7.73 -7.87 19.31
N GLN A 677 8.46 -8.37 20.29
CA GLN A 677 7.99 -8.43 21.68
C GLN A 677 9.10 -8.00 22.62
N ALA A 678 8.73 -7.41 23.76
CA ALA A 678 9.69 -7.01 24.77
C ALA A 678 10.35 -8.24 25.42
N GLY A 679 11.62 -8.09 25.79
CA GLY A 679 12.31 -9.09 26.61
C GLY A 679 12.80 -10.32 25.88
N LYS A 680 12.70 -10.33 24.55
CA LYS A 680 13.13 -11.49 23.77
C LYS A 680 14.57 -11.36 23.29
N ALA A 681 15.30 -12.46 23.37
CA ALA A 681 16.67 -12.52 22.86
C ALA A 681 16.75 -13.64 21.82
N GLU A 682 15.60 -14.10 21.35
CA GLU A 682 15.53 -15.00 20.21
C GLU A 682 14.21 -14.80 19.49
N VAL A 683 14.09 -15.40 18.32
CA VAL A 683 12.87 -15.32 17.54
C VAL A 683 12.74 -16.59 16.71
N THR A 684 11.50 -17.03 16.55
CA THR A 684 11.18 -18.24 15.78
C THR A 684 10.48 -17.83 14.50
N GLY A 685 11.08 -18.18 13.37
CA GLY A 685 10.57 -17.80 12.06
C GLY A 685 10.50 -18.98 11.13
N TYR A 686 9.67 -18.85 10.10
CA TYR A 686 9.51 -19.89 9.12
C TYR A 686 10.50 -19.73 7.98
N PHE A 687 11.19 -20.82 7.64
CA PHE A 687 12.13 -20.85 6.53
C PHE A 687 11.67 -21.81 5.46
N PRO A 688 11.27 -21.28 4.28
CA PRO A 688 10.92 -22.16 3.18
C PRO A 688 12.09 -23.05 2.76
N LEU A 689 11.78 -24.15 2.11
CA LEU A 689 12.78 -25.11 1.64
C LEU A 689 13.93 -24.39 0.92
N GLY A 690 15.15 -24.66 1.34
CA GLY A 690 16.32 -24.07 0.72
C GLY A 690 17.36 -23.62 1.72
N THR A 691 18.46 -23.06 1.20
CA THR A 691 19.55 -22.58 2.00
C THR A 691 19.38 -21.07 2.13
N TRP A 692 19.43 -20.60 3.37
CA TRP A 692 19.32 -19.19 3.68
C TRP A 692 20.55 -18.72 4.41
N TYR A 693 21.32 -17.83 3.77
CA TYR A 693 22.55 -17.32 4.38
C TYR A 693 22.31 -16.12 5.30
N ASP A 694 22.98 -16.11 6.45
CA ASP A 694 22.90 -14.99 7.37
C ASP A 694 23.62 -13.78 6.75
N LEU A 695 22.87 -12.70 6.53
CA LEU A 695 23.43 -11.51 5.88
C LEU A 695 24.57 -10.89 6.68
N GLN A 696 24.64 -11.15 7.97
CA GLN A 696 25.74 -10.68 8.81
C GLN A 696 27.11 -11.25 8.41
N THR A 697 27.14 -12.31 7.60
CA THR A 697 28.40 -12.84 7.08
C THR A 697 28.95 -12.05 5.89
N VAL A 698 28.20 -11.06 5.39
CA VAL A 698 28.69 -10.14 4.36
C VAL A 698 29.30 -8.88 5.01
N PRO A 699 30.60 -8.62 4.78
CA PRO A 699 31.21 -7.40 5.32
C PRO A 699 30.54 -6.09 4.89
N ILE A 700 30.18 -5.25 5.85
CA ILE A 700 29.61 -3.92 5.59
C ILE A 700 30.42 -2.87 6.39
N GLU A 701 30.64 -1.71 5.78
CA GLU A 701 31.52 -0.67 6.36
C GLU A 701 30.77 0.28 7.30
N ARG A 714 25.11 -18.43 16.22
CA ARG A 714 24.67 -17.91 14.94
C ARG A 714 25.31 -18.66 13.77
N GLU A 715 24.50 -19.47 13.08
CA GLU A 715 24.96 -20.25 11.94
C GLU A 715 25.12 -19.38 10.69
N PRO A 716 26.18 -19.60 9.91
CA PRO A 716 26.33 -18.81 8.68
C PRO A 716 25.26 -19.11 7.64
N ALA A 717 24.68 -20.32 7.68
CA ALA A 717 23.60 -20.71 6.77
C ALA A 717 22.57 -21.62 7.42
N ILE A 718 21.30 -21.32 7.16
CA ILE A 718 20.19 -22.18 7.59
C ILE A 718 19.84 -23.10 6.43
N HIS A 719 19.88 -24.41 6.67
CA HIS A 719 19.54 -25.41 5.65
C HIS A 719 18.18 -25.99 5.96
N SER A 720 17.16 -25.42 5.35
CA SER A 720 15.79 -25.68 5.76
C SER A 720 15.13 -26.66 4.81
N GLU A 721 14.26 -27.52 5.37
CA GLU A 721 13.41 -28.39 4.57
C GLU A 721 12.00 -27.81 4.44
N GLY A 722 11.83 -26.55 4.82
CA GLY A 722 10.51 -25.95 4.97
C GLY A 722 10.09 -26.19 6.40
N GLN A 723 10.54 -25.31 7.29
CA GLN A 723 10.37 -25.53 8.73
C GLN A 723 10.55 -24.26 9.54
N TRP A 724 10.06 -24.29 10.77
CA TRP A 724 10.29 -23.22 11.74
C TRP A 724 11.66 -23.36 12.39
N VAL A 725 12.37 -22.24 12.54
CA VAL A 725 13.71 -22.24 13.09
C VAL A 725 13.81 -21.16 14.15
N THR A 726 14.37 -21.51 15.31
CA THR A 726 14.60 -20.54 16.36
C THR A 726 16.00 -19.97 16.17
N LEU A 727 16.08 -18.63 16.17
CA LEU A 727 17.32 -17.91 15.88
C LEU A 727 17.70 -17.01 17.07
N PRO A 728 18.99 -16.92 17.39
CA PRO A 728 19.40 -15.92 18.36
C PRO A 728 19.05 -14.53 17.84
N ALA A 729 18.58 -13.67 18.74
CA ALA A 729 18.20 -12.30 18.38
C ALA A 729 18.33 -11.39 19.59
N PRO A 730 19.57 -11.16 20.05
CA PRO A 730 19.78 -10.21 21.13
C PRO A 730 19.32 -8.81 20.73
N LEU A 731 19.24 -7.91 21.70
CA LEU A 731 18.71 -6.56 21.45
C LEU A 731 19.40 -5.85 20.27
N ASP A 732 20.71 -6.06 20.12
CA ASP A 732 21.49 -5.40 19.07
C ASP A 732 21.33 -6.01 17.67
N THR A 733 20.46 -6.99 17.51
CA THR A 733 20.39 -7.82 16.29
C THR A 733 19.00 -7.88 15.67
N ILE A 734 18.93 -7.79 14.35
CA ILE A 734 17.74 -8.27 13.63
C ILE A 734 18.21 -9.31 12.62
N ASN A 735 17.46 -10.39 12.54
CA ASN A 735 17.77 -11.48 11.63
C ASN A 735 17.37 -11.19 10.18
N VAL A 736 18.36 -11.25 9.30
CA VAL A 736 18.15 -11.05 7.88
C VAL A 736 18.90 -12.15 7.14
N HIS A 737 18.20 -12.86 6.27
CA HIS A 737 18.79 -13.96 5.55
C HIS A 737 18.62 -13.77 4.04
N LEU A 738 19.64 -14.19 3.32
CA LEU A 738 19.68 -14.10 1.87
C LEU A 738 19.49 -15.49 1.24
N ARG A 739 18.50 -15.59 0.38
CA ARG A 739 18.15 -16.81 -0.32
C ARG A 739 19.23 -17.28 -1.30
N ALA A 740 19.60 -18.54 -1.19
CA ALA A 740 20.54 -19.12 -2.13
C ALA A 740 19.99 -19.06 -3.57
N GLY A 741 20.84 -18.66 -4.50
CA GLY A 741 20.48 -18.47 -5.89
C GLY A 741 20.32 -17.01 -6.29
N TYR A 742 20.62 -16.09 -5.38
CA TYR A 742 20.39 -14.67 -5.58
C TYR A 742 21.61 -13.80 -5.33
N ILE A 743 21.72 -12.73 -6.12
CA ILE A 743 22.79 -11.74 -6.02
C ILE A 743 22.17 -10.37 -5.76
N ILE A 744 22.70 -9.65 -4.78
CA ILE A 744 22.20 -8.37 -4.31
C ILE A 744 23.28 -7.32 -4.53
N PRO A 745 22.94 -6.19 -5.19
CA PRO A 745 23.87 -5.09 -5.28
C PRO A 745 23.81 -4.22 -4.04
N LEU A 746 24.98 -3.76 -3.62
CA LEU A 746 25.13 -2.93 -2.43
C LEU A 746 25.95 -1.70 -2.78
N GLN A 747 25.86 -0.67 -1.96
CA GLN A 747 26.71 0.50 -2.14
C GLN A 747 27.26 0.99 -0.81
N GLY A 748 28.39 1.69 -0.89
CA GLY A 748 29.06 2.20 0.30
C GLY A 748 28.27 3.25 1.05
N PRO A 749 28.79 3.66 2.23
CA PRO A 749 28.02 4.44 3.18
C PRO A 749 27.99 5.92 2.92
N GLY A 750 27.04 6.59 3.56
CA GLY A 750 26.91 8.04 3.51
C GLY A 750 25.85 8.45 4.48
N LEU A 751 25.89 9.69 4.94
CA LEU A 751 24.82 10.19 5.79
C LEU A 751 23.64 10.67 4.96
N THR A 752 23.82 10.79 3.64
CA THR A 752 22.72 11.06 2.72
C THR A 752 22.88 10.22 1.46
N THR A 753 21.81 10.06 0.67
CA THR A 753 21.95 9.44 -0.65
C THR A 753 22.74 10.28 -1.64
N THR A 754 22.77 11.59 -1.45
CA THR A 754 23.64 12.43 -2.28
C THR A 754 25.09 11.94 -2.16
N GLU A 755 25.51 11.66 -0.92
CA GLU A 755 26.82 11.11 -0.64
C GLU A 755 26.94 9.59 -1.03
N SER A 756 25.97 8.77 -0.63
CA SER A 756 26.11 7.32 -0.80
C SER A 756 26.10 6.91 -2.27
N ARG A 757 25.37 7.64 -3.11
CA ARG A 757 25.32 7.33 -4.54
C ARG A 757 26.66 7.47 -5.25
N GLN A 758 27.59 8.20 -4.63
CA GLN A 758 28.92 8.41 -5.18
C GLN A 758 29.94 7.34 -4.76
N GLN A 759 29.53 6.43 -3.89
CA GLN A 759 30.45 5.44 -3.32
C GLN A 759 30.62 4.21 -4.20
N PRO A 760 31.71 3.46 -3.98
CA PRO A 760 31.84 2.21 -4.71
C PRO A 760 30.74 1.23 -4.33
N MET A 761 30.46 0.33 -5.25
CA MET A 761 29.45 -0.70 -5.05
C MET A 761 30.08 -2.06 -4.76
N ALA A 762 29.22 -2.99 -4.37
CA ALA A 762 29.63 -4.34 -4.04
C ALA A 762 28.53 -5.30 -4.47
N LEU A 763 28.87 -6.57 -4.59
CA LEU A 763 27.88 -7.63 -4.79
C LEU A 763 27.93 -8.63 -3.64
N ALA A 764 26.76 -9.08 -3.20
CA ALA A 764 26.66 -10.25 -2.35
C ALA A 764 26.04 -11.35 -3.18
N VAL A 765 26.78 -12.45 -3.31
CA VAL A 765 26.43 -13.54 -4.20
C VAL A 765 26.15 -14.78 -3.37
N ALA A 766 24.88 -15.19 -3.31
CA ALA A 766 24.47 -16.37 -2.54
C ALA A 766 24.34 -17.57 -3.45
N LEU A 767 25.30 -18.48 -3.36
CA LEU A 767 25.34 -19.62 -4.27
C LEU A 767 24.38 -20.69 -3.82
N THR A 768 23.75 -21.35 -4.79
CA THR A 768 23.05 -22.60 -4.55
C THR A 768 24.13 -23.66 -4.33
N LYS A 769 23.72 -24.81 -3.83
CA LYS A 769 24.63 -25.95 -3.73
C LYS A 769 25.32 -26.24 -5.06
N GLY A 770 24.57 -26.13 -6.16
CA GLY A 770 25.14 -26.27 -7.51
C GLY A 770 25.95 -25.10 -8.06
N GLY A 771 26.20 -24.06 -7.27
CA GLY A 771 27.06 -22.95 -7.70
C GLY A 771 26.41 -21.85 -8.54
N GLU A 772 25.08 -21.72 -8.45
CA GLU A 772 24.34 -20.83 -9.32
C GLU A 772 23.80 -19.66 -8.52
N ALA A 773 23.74 -18.51 -9.16
CA ALA A 773 22.99 -17.36 -8.63
C ALA A 773 22.71 -16.34 -9.72
N ARG A 774 21.68 -15.53 -9.50
CA ARG A 774 21.29 -14.46 -10.43
CA ARG A 774 21.32 -14.46 -10.43
C ARG A 774 20.84 -13.24 -9.66
N GLY A 775 21.15 -12.07 -10.19
CA GLY A 775 20.57 -10.83 -9.66
C GLY A 775 20.62 -9.73 -10.68
N GLU A 776 20.23 -8.55 -10.27
CA GLU A 776 20.24 -7.41 -11.17
C GLU A 776 20.34 -6.07 -10.47
N LEU A 777 20.68 -5.07 -11.28
CA LEU A 777 20.73 -3.67 -10.84
C LEU A 777 20.09 -2.76 -11.88
N PHE A 778 19.22 -1.86 -11.41
CA PHE A 778 18.67 -0.79 -12.20
C PHE A 778 19.25 0.50 -11.67
N TRP A 779 19.78 1.35 -12.56
CA TRP A 779 20.35 2.63 -12.14
C TRP A 779 19.99 3.77 -13.09
N ASP A 780 19.48 4.85 -12.55
CA ASP A 780 19.22 6.06 -13.31
C ASP A 780 19.74 7.25 -12.49
N ASP A 781 19.35 8.47 -12.85
CA ASP A 781 19.86 9.65 -12.14
C ASP A 781 19.16 9.90 -10.81
N GLY A 782 18.16 9.06 -10.49
CA GLY A 782 17.49 9.11 -9.22
C GLY A 782 16.34 10.08 -9.01
N GLU A 783 16.07 10.97 -9.97
CA GLU A 783 14.98 11.92 -9.81
C GLU A 783 14.28 12.41 -11.07
N SER A 784 14.82 12.15 -12.26
CA SER A 784 14.22 12.69 -13.50
C SER A 784 12.91 12.01 -13.84
N LEU A 785 12.08 12.75 -14.57
CA LEU A 785 10.84 12.25 -15.13
C LEU A 785 11.07 11.51 -16.44
N GLU A 786 10.19 10.56 -16.74
CA GLU A 786 10.14 9.86 -18.04
C GLU A 786 11.41 9.09 -18.38
N VAL A 787 12.03 8.51 -17.38
CA VAL A 787 13.29 7.82 -17.56
C VAL A 787 13.17 6.59 -18.45
N LEU A 788 12.16 5.76 -18.18
CA LEU A 788 12.00 4.51 -18.94
C LEU A 788 11.64 4.84 -20.39
N GLU A 789 10.70 5.77 -20.56
CA GLU A 789 10.32 6.24 -21.89
C GLU A 789 11.51 6.77 -22.68
N ARG A 790 12.37 7.55 -22.03
CA ARG A 790 13.54 8.13 -22.71
C ARG A 790 14.76 7.20 -22.73
N GLY A 791 14.66 6.04 -22.08
CA GLY A 791 15.79 5.11 -21.98
C GLY A 791 16.99 5.64 -21.20
N ALA A 792 16.76 6.54 -20.25
CA ALA A 792 17.85 7.20 -19.51
C ALA A 792 18.25 6.41 -18.26
N TYR A 793 18.62 5.15 -18.47
CA TYR A 793 18.95 4.27 -17.38
C TYR A 793 19.88 3.18 -17.82
N THR A 794 20.57 2.62 -16.84
CA THR A 794 21.42 1.45 -17.00
C THR A 794 20.80 0.27 -16.29
N GLN A 795 20.90 -0.90 -16.91
CA GLN A 795 20.33 -2.13 -16.37
C GLN A 795 21.33 -3.27 -16.61
N VAL A 796 21.69 -3.93 -15.53
CA VAL A 796 22.71 -4.96 -15.54
C VAL A 796 22.20 -6.20 -14.82
N ILE A 797 22.48 -7.35 -15.39
CA ILE A 797 22.22 -8.65 -14.75
C ILE A 797 23.53 -9.27 -14.30
N PHE A 798 23.53 -9.91 -13.14
CA PHE A 798 24.69 -10.62 -12.60
C PHE A 798 24.37 -12.10 -12.55
N LEU A 799 25.34 -12.93 -12.94
CA LEU A 799 25.18 -14.37 -12.97
C LEU A 799 26.39 -15.06 -12.39
N ALA A 800 26.15 -15.98 -11.47
CA ALA A 800 27.19 -16.89 -10.96
C ALA A 800 26.93 -18.30 -11.53
N ARG A 801 27.99 -18.95 -11.99
CA ARG A 801 27.90 -20.32 -12.51
C ARG A 801 29.31 -20.90 -12.60
N ASN A 802 29.46 -22.17 -12.25
CA ASN A 802 30.74 -22.87 -12.39
C ASN A 802 31.96 -22.06 -11.92
N ASN A 803 31.88 -21.52 -10.71
CA ASN A 803 32.99 -20.79 -10.11
C ASN A 803 33.38 -19.54 -10.89
N THR A 804 32.39 -18.92 -11.53
CA THR A 804 32.58 -17.63 -12.18
C THR A 804 31.39 -16.74 -11.86
N ILE A 805 31.63 -15.44 -11.89
CA ILE A 805 30.61 -14.41 -11.76
C ILE A 805 30.81 -13.47 -12.93
N VAL A 806 29.74 -13.18 -13.68
CA VAL A 806 29.79 -12.22 -14.77
C VAL A 806 28.63 -11.27 -14.70
N ASN A 807 28.74 -10.20 -15.46
CA ASN A 807 27.61 -9.32 -15.69
C ASN A 807 27.13 -9.43 -17.15
N GLU A 808 25.89 -9.04 -17.35
CA GLU A 808 25.28 -9.00 -18.68
CA GLU A 808 25.28 -8.99 -18.67
C GLU A 808 24.67 -7.61 -18.80
N LEU A 809 25.08 -6.89 -19.83
CA LEU A 809 24.73 -5.49 -19.97
C LEU A 809 23.44 -5.38 -20.77
N VAL A 810 22.32 -5.23 -20.07
CA VAL A 810 21.03 -5.14 -20.76
C VAL A 810 20.89 -3.75 -21.40
N ARG A 811 21.26 -2.72 -20.67
CA ARG A 811 21.29 -1.39 -21.23
C ARG A 811 22.36 -0.61 -20.50
N VAL A 812 23.18 0.11 -21.24
CA VAL A 812 24.20 0.94 -20.63
C VAL A 812 24.11 2.36 -21.20
N THR A 813 24.03 3.33 -20.30
CA THR A 813 23.89 4.73 -20.68
C THR A 813 24.80 5.54 -19.80
N SER A 814 24.85 6.85 -20.03
CA SER A 814 25.70 7.74 -19.23
C SER A 814 25.38 7.66 -17.73
N GLU A 815 24.11 7.42 -17.39
CA GLU A 815 23.72 7.41 -15.98
CA GLU A 815 23.66 7.36 -15.99
C GLU A 815 24.40 6.30 -15.18
N GLY A 816 24.76 5.19 -15.82
CA GLY A 816 25.40 4.06 -15.13
C GLY A 816 26.89 3.98 -15.31
N ALA A 817 27.44 4.91 -16.06
CA ALA A 817 28.88 4.94 -16.32
C ALA A 817 29.58 5.40 -15.05
N GLY A 818 30.70 4.78 -14.75
CA GLY A 818 31.49 5.18 -13.61
C GLY A 818 31.01 4.60 -12.30
N LEU A 819 30.04 3.68 -12.35
CA LEU A 819 29.68 2.91 -11.18
C LEU A 819 30.78 1.89 -10.93
N GLN A 820 31.50 2.08 -9.83
CA GLN A 820 32.67 1.29 -9.48
C GLN A 820 32.24 0.07 -8.65
N LEU A 821 32.69 -1.10 -9.06
CA LEU A 821 32.44 -2.33 -8.32
C LEU A 821 33.76 -2.68 -7.68
N GLN A 822 33.84 -2.67 -6.35
CA GLN A 822 35.12 -2.87 -5.69
CA GLN A 822 35.12 -2.88 -5.69
C GLN A 822 35.18 -4.06 -4.75
N LYS A 823 34.03 -4.68 -4.50
CA LYS A 823 33.97 -5.81 -3.60
C LYS A 823 32.94 -6.83 -4.07
N VAL A 824 33.31 -8.10 -4.00
CA VAL A 824 32.43 -9.20 -4.33
C VAL A 824 32.56 -10.22 -3.21
N THR A 825 31.44 -10.46 -2.54
CA THR A 825 31.39 -11.45 -1.48
C THR A 825 30.53 -12.63 -1.90
N VAL A 826 31.12 -13.81 -1.87
CA VAL A 826 30.46 -15.02 -2.31
C VAL A 826 30.17 -15.91 -1.10
N LEU A 827 28.89 -16.26 -0.93
CA LEU A 827 28.43 -17.10 0.16
C LEU A 827 28.21 -18.54 -0.32
N GLY A 828 28.60 -19.51 0.50
CA GLY A 828 28.47 -20.94 0.15
C GLY A 828 29.61 -21.50 -0.68
N VAL A 829 30.82 -20.95 -0.50
CA VAL A 829 32.00 -21.50 -1.17
C VAL A 829 32.56 -22.56 -0.24
N ALA A 830 32.47 -23.81 -0.68
CA ALA A 830 32.66 -24.96 0.19
C ALA A 830 34.13 -25.23 0.51
N THR A 831 35.02 -24.89 -0.42
CA THR A 831 36.44 -25.13 -0.21
C THR A 831 37.27 -23.88 -0.57
N ALA A 832 38.38 -23.72 0.14
CA ALA A 832 39.24 -22.56 -0.04
C ALA A 832 39.78 -22.54 -1.47
N PRO A 833 39.66 -21.39 -2.17
CA PRO A 833 40.28 -21.34 -3.48
C PRO A 833 41.78 -21.06 -3.35
N GLN A 834 42.56 -21.59 -4.28
CA GLN A 834 43.98 -21.30 -4.33
C GLN A 834 44.25 -20.04 -5.14
N GLN A 835 43.35 -19.72 -6.07
CA GLN A 835 43.48 -18.47 -6.82
C GLN A 835 42.13 -17.86 -7.16
N VAL A 836 42.12 -16.53 -7.20
CA VAL A 836 40.93 -15.75 -7.55
C VAL A 836 41.36 -14.73 -8.60
N LEU A 837 40.66 -14.75 -9.74
CA LEU A 837 41.00 -13.93 -10.89
C LEU A 837 39.90 -12.94 -11.18
N SER A 838 40.31 -11.75 -11.62
CA SER A 838 39.42 -10.72 -12.11
C SER A 838 39.91 -10.32 -13.50
N ASN A 839 39.07 -10.57 -14.51
CA ASN A 839 39.44 -10.44 -15.92
C ASN A 839 40.82 -11.07 -16.24
N GLY A 840 41.06 -12.25 -15.71
CA GLY A 840 42.25 -13.03 -16.03
C GLY A 840 43.51 -12.74 -15.21
N VAL A 841 43.45 -11.79 -14.29
CA VAL A 841 44.59 -11.40 -13.49
C VAL A 841 44.27 -11.67 -12.03
N PRO A 842 45.23 -12.22 -11.26
CA PRO A 842 44.98 -12.40 -9.82
C PRO A 842 44.56 -11.10 -9.13
N VAL A 843 43.56 -11.18 -8.25
CA VAL A 843 43.06 -9.98 -7.56
C VAL A 843 44.09 -9.48 -6.56
N SER A 844 43.97 -8.21 -6.17
CA SER A 844 44.91 -7.59 -5.22
C SER A 844 44.87 -8.33 -3.89
N ASN A 845 43.68 -8.68 -3.41
CA ASN A 845 43.55 -9.70 -2.38
C ASN A 845 42.13 -10.23 -2.18
N PHE A 846 42.05 -11.32 -1.45
CA PHE A 846 40.78 -11.93 -1.09
C PHE A 846 40.97 -12.63 0.23
N THR A 847 39.87 -12.88 0.92
CA THR A 847 39.90 -13.68 2.14
C THR A 847 38.88 -14.79 2.01
N TYR A 848 39.19 -15.95 2.59
CA TYR A 848 38.27 -17.05 2.68
C TYR A 848 38.16 -17.46 4.15
N SER A 849 36.94 -17.65 4.65
CA SER A 849 36.72 -18.14 6.01
C SER A 849 36.16 -19.56 5.99
N PRO A 850 36.98 -20.55 6.41
CA PRO A 850 36.50 -21.94 6.40
C PRO A 850 35.30 -22.19 7.30
N ASP A 851 35.12 -21.38 8.34
CA ASP A 851 33.99 -21.53 9.25
C ASP A 851 32.66 -21.05 8.64
N THR A 852 32.69 -19.91 7.94
CA THR A 852 31.46 -19.32 7.38
C THR A 852 31.21 -19.70 5.93
N LYS A 853 32.24 -20.22 5.26
CA LYS A 853 32.19 -20.57 3.82
C LYS A 853 32.07 -19.30 2.95
N VAL A 854 32.64 -18.19 3.41
CA VAL A 854 32.55 -16.92 2.73
C VAL A 854 33.87 -16.57 2.05
N LEU A 855 33.77 -16.21 0.78
CA LEU A 855 34.90 -15.71 0.00
C LEU A 855 34.67 -14.22 -0.24
N ASP A 856 35.60 -13.39 0.23
CA ASP A 856 35.46 -11.94 0.11
C ASP A 856 36.58 -11.46 -0.81
N ILE A 857 36.22 -10.73 -1.85
CA ILE A 857 37.14 -10.42 -2.96
C ILE A 857 37.22 -8.94 -3.24
N CYS A 858 38.44 -8.39 -3.25
CA CYS A 858 38.66 -7.01 -3.67
C CYS A 858 38.89 -6.94 -5.18
N VAL A 859 38.12 -6.07 -5.84
CA VAL A 859 38.23 -5.92 -7.30
C VAL A 859 38.21 -4.44 -7.69
N SER A 860 38.58 -4.16 -8.96
CA SER A 860 38.49 -2.81 -9.51
C SER A 860 37.76 -2.89 -10.84
N LEU A 861 36.43 -2.93 -10.76
CA LEU A 861 35.61 -3.18 -11.94
C LEU A 861 34.57 -2.09 -12.07
N LEU A 862 33.83 -2.14 -13.18
CA LEU A 862 32.78 -1.18 -13.46
C LEU A 862 31.48 -1.92 -13.75
N MET A 863 30.38 -1.51 -13.12
CA MET A 863 29.12 -2.19 -13.33
C MET A 863 28.72 -2.23 -14.80
N GLY A 864 29.07 -1.16 -15.51
CA GLY A 864 28.69 -0.99 -16.91
C GLY A 864 29.66 -1.52 -17.95
N GLU A 865 30.68 -2.28 -17.54
CA GLU A 865 31.64 -2.91 -18.47
C GLU A 865 31.75 -4.40 -18.16
N GLN A 866 31.74 -5.21 -19.21
CA GLN A 866 31.69 -6.67 -19.03
CA GLN A 866 31.72 -6.67 -19.06
C GLN A 866 32.90 -7.15 -18.23
N PHE A 867 32.64 -7.96 -17.21
CA PHE A 867 33.69 -8.53 -16.38
C PHE A 867 33.48 -10.02 -16.17
N LEU A 868 34.56 -10.68 -15.77
CA LEU A 868 34.54 -12.09 -15.41
C LEU A 868 35.43 -12.29 -14.20
N VAL A 869 34.82 -12.64 -13.07
CA VAL A 869 35.55 -12.99 -11.86
C VAL A 869 35.48 -14.51 -11.71
N SER A 870 36.60 -15.16 -11.38
CA SER A 870 36.61 -16.60 -11.20
C SER A 870 37.49 -17.06 -10.05
N TRP A 871 37.26 -18.28 -9.58
CA TRP A 871 38.08 -18.85 -8.49
C TRP A 871 38.20 -20.36 -8.60
N CYS A 872 39.28 -20.89 -8.05
CA CYS A 872 39.45 -22.34 -7.93
C CYS A 872 40.55 -22.68 -6.94
#